data_8QX2
#
_entry.id   8QX2
#
_cell.length_a   75.787
_cell.length_b   123.632
_cell.length_c   131.103
_cell.angle_alpha   90.00
_cell.angle_beta   90.00
_cell.angle_gamma   90.00
#
_symmetry.space_group_name_H-M   'P 21 21 21'
#
loop_
_entity.id
_entity.type
_entity.pdbx_description
1 polymer 'Soluble acetylcholine receptor'
2 non-polymer 'Spiroimine (+)-4 R'
3 non-polymer 'ISOPROPYL ALCOHOL'
4 water water
#
_entity_poly.entity_id   1
_entity_poly.type   'polypeptide(L)'
_entity_poly.pdbx_seq_one_letter_code
;DYKDDDDKLHSQANLMRLKSDLFNRSPMYPGPTKDDPLTVTLGFTLQDIVKADSSTNEVDLVYYEQQRWKLNSLMWDPNE
YGNITDFRTSAADIWTPDITAYSSTRPVQVLSPQIAVVTHDGSVMFIPAQRLSFMCDPTGVDSEEGATCAVKFGSWVYSG
FEIDLKTDTDQVDLSSYYASSKYEILSATQTRQVQHYSCCPEPYIDVNLVVKFRERR
;
_entity_poly.pdbx_strand_id   A,B,C,D,E
#
# COMPACT_ATOMS: atom_id res chain seq x y z
N LEU A 9 -38.19 3.51 -3.08
CA LEU A 9 -37.86 2.44 -4.08
C LEU A 9 -37.76 3.08 -5.47
N HIS A 10 -38.72 3.98 -5.79
CA HIS A 10 -38.62 4.83 -6.96
C HIS A 10 -37.49 5.86 -6.79
N SER A 11 -37.34 6.42 -5.60
CA SER A 11 -36.26 7.37 -5.33
C SER A 11 -34.91 6.68 -5.50
N GLN A 12 -34.78 5.43 -5.04
CA GLN A 12 -33.57 4.64 -5.25
C GLN A 12 -33.32 4.38 -6.73
N ALA A 13 -34.37 4.02 -7.45
CA ALA A 13 -34.28 3.71 -8.87
C ALA A 13 -33.88 4.95 -9.67
N ASN A 14 -34.44 6.11 -9.29
CA ASN A 14 -34.13 7.37 -9.93
C ASN A 14 -32.66 7.72 -9.73
N LEU A 15 -32.13 7.50 -8.51
CA LEU A 15 -30.75 7.82 -8.20
C LEU A 15 -29.80 6.90 -8.97
N MET A 16 -30.12 5.60 -8.97
CA MET A 16 -29.33 4.62 -9.71
C MET A 16 -29.33 4.98 -11.19
N ARG A 17 -30.46 5.44 -11.70
CA ARG A 17 -30.59 5.82 -13.10
C ARG A 17 -29.77 7.08 -13.38
N LEU A 18 -29.81 8.05 -12.46
CA LEU A 18 -29.06 9.28 -12.63
C LEU A 18 -27.56 8.99 -12.66
N LYS A 19 -27.08 8.17 -11.73
CA LYS A 19 -25.65 7.87 -11.66
C LYS A 19 -25.22 7.13 -12.92
N SER A 20 -26.07 6.21 -13.39
CA SER A 20 -25.79 5.47 -14.61
C SER A 20 -25.73 6.40 -15.81
N ASP A 21 -26.68 7.33 -15.94
CA ASP A 21 -26.68 8.29 -17.03
C ASP A 21 -25.41 9.15 -17.02
N LEU A 22 -24.98 9.62 -15.84
CA LEU A 22 -23.84 10.53 -15.78
C LEU A 22 -22.54 9.76 -16.03
N PHE A 23 -22.39 8.57 -15.41
CA PHE A 23 -21.09 7.92 -15.33
C PHE A 23 -20.93 6.86 -16.43
N ASN A 24 -21.88 5.94 -16.52
CA ASN A 24 -21.75 4.78 -17.39
C ASN A 24 -22.06 5.15 -18.84
N ARG A 25 -22.77 6.27 -19.05
CA ARG A 25 -23.28 6.62 -20.38
C ARG A 25 -22.70 7.96 -20.83
N SER A 26 -21.46 8.27 -20.43
CA SER A 26 -20.76 9.43 -20.93
C SER A 26 -19.26 9.19 -20.89
N PRO A 27 -18.51 9.40 -22.00
CA PRO A 27 -17.05 9.31 -21.98
C PRO A 27 -16.47 10.18 -20.86
N MET A 28 -15.49 9.64 -20.14
CA MET A 28 -15.08 10.20 -18.86
C MET A 28 -14.31 11.51 -19.05
N TYR A 29 -14.54 12.45 -18.12
CA TYR A 29 -14.13 13.82 -18.28
C TYR A 29 -12.61 13.84 -18.35
N PRO A 30 -12.00 14.38 -19.42
CA PRO A 30 -10.55 14.33 -19.58
C PRO A 30 -9.80 15.41 -18.81
N GLY A 31 -10.51 16.13 -17.92
CA GLY A 31 -9.93 17.22 -17.16
C GLY A 31 -10.13 18.55 -17.86
N PRO A 32 -9.82 19.68 -17.18
CA PRO A 32 -9.99 21.00 -17.74
C PRO A 32 -8.94 21.31 -18.80
N THR A 33 -9.29 22.25 -19.68
CA THR A 33 -8.42 22.72 -20.75
C THR A 33 -8.51 24.23 -20.81
N LYS A 34 -7.65 24.84 -21.62
CA LYS A 34 -7.65 26.27 -21.92
C LYS A 34 -9.01 26.73 -22.43
N ASP A 35 -9.69 25.87 -23.19
CA ASP A 35 -11.00 26.18 -23.75
C ASP A 35 -12.13 25.86 -22.78
N ASP A 36 -11.86 24.99 -21.80
CA ASP A 36 -12.89 24.56 -20.86
C ASP A 36 -12.30 24.62 -19.44
N PRO A 37 -11.98 25.83 -18.92
CA PRO A 37 -11.28 25.93 -17.64
C PRO A 37 -12.21 25.73 -16.47
N LEU A 38 -11.61 25.61 -15.29
CA LEU A 38 -12.34 25.27 -14.08
C LEU A 38 -11.79 26.15 -12.96
N THR A 39 -12.67 26.56 -12.04
CA THR A 39 -12.24 27.26 -10.83
C THR A 39 -12.43 26.30 -9.67
N VAL A 40 -11.39 26.12 -8.87
CA VAL A 40 -11.47 25.36 -7.63
C VAL A 40 -11.39 26.32 -6.45
N THR A 41 -12.39 26.23 -5.58
CA THR A 41 -12.42 26.97 -4.34
C THR A 41 -11.84 26.09 -3.26
N LEU A 42 -10.87 26.63 -2.51
CA LEU A 42 -10.13 25.92 -1.46
C LEU A 42 -10.40 26.66 -0.15
N GLY A 43 -10.58 25.89 0.92
CA GLY A 43 -10.59 26.43 2.25
C GLY A 43 -10.06 25.40 3.24
N PHE A 44 -9.33 25.88 4.24
CA PHE A 44 -8.71 25.02 5.24
C PHE A 44 -9.42 25.18 6.59
N THR A 45 -9.60 24.05 7.26
CA THR A 45 -9.98 24.00 8.66
C THR A 45 -8.86 23.28 9.41
N LEU A 46 -8.12 24.03 10.24
CA LEU A 46 -6.97 23.49 10.93
C LEU A 46 -7.41 22.88 12.26
N GLN A 47 -7.12 21.59 12.45
CA GLN A 47 -7.54 20.86 13.63
C GLN A 47 -6.41 20.75 14.66
N ASP A 48 -5.16 20.58 14.21
CA ASP A 48 -4.09 20.34 15.17
C ASP A 48 -2.73 20.51 14.51
N ILE A 49 -1.81 21.18 15.22
CA ILE A 49 -0.40 21.02 14.98
C ILE A 49 0.07 19.91 15.91
N VAL A 50 0.36 18.75 15.33
CA VAL A 50 0.60 17.55 16.11
C VAL A 50 2.03 17.57 16.65
N LYS A 51 2.96 18.01 15.80
CA LYS A 51 4.38 17.85 16.08
C LYS A 51 5.15 18.93 15.32
N ALA A 52 6.15 19.50 15.99
CA ALA A 52 7.12 20.39 15.37
C ALA A 52 8.52 19.87 15.68
N ASP A 53 9.21 19.32 14.67
CA ASP A 53 10.48 18.66 14.86
C ASP A 53 11.60 19.64 14.50
N SER A 54 12.32 20.12 15.53
CA SER A 54 13.39 21.05 15.31
C SER A 54 14.70 20.34 14.93
N SER A 55 14.72 19.01 14.95
CA SER A 55 15.92 18.31 14.50
C SER A 55 15.91 18.15 12.98
N THR A 56 14.75 18.25 12.32
CA THR A 56 14.66 18.12 10.86
C THR A 56 13.94 19.30 10.20
N ASN A 57 13.40 20.23 10.99
CA ASN A 57 12.60 21.35 10.50
C ASN A 57 11.47 20.84 9.61
N GLU A 58 10.66 19.97 10.22
CA GLU A 58 9.41 19.47 9.66
C GLU A 58 8.33 19.71 10.71
N VAL A 59 7.16 20.16 10.25
CA VAL A 59 5.99 20.27 11.12
C VAL A 59 4.87 19.43 10.52
N ASP A 60 4.07 18.81 11.40
CA ASP A 60 2.94 17.96 11.03
C ASP A 60 1.63 18.64 11.43
N LEU A 61 0.77 18.88 10.42
CA LEU A 61 -0.56 19.47 10.62
C LEU A 61 -1.63 18.42 10.33
N VAL A 62 -2.74 18.50 11.08
CA VAL A 62 -3.96 17.80 10.76
C VAL A 62 -5.02 18.86 10.44
N TYR A 63 -5.66 18.71 9.29
CA TYR A 63 -6.63 19.69 8.81
C TYR A 63 -7.57 18.99 7.84
N TYR A 64 -8.66 19.67 7.50
CA TYR A 64 -9.43 19.23 6.36
C TYR A 64 -9.54 20.39 5.39
N GLU A 65 -9.53 20.00 4.11
CA GLU A 65 -9.40 20.91 3.00
C GLU A 65 -10.70 20.80 2.19
N GLN A 66 -11.49 21.86 2.21
CA GLN A 66 -12.71 21.88 1.44
C GLN A 66 -12.36 22.28 0.01
N GLN A 67 -12.74 21.42 -0.94
CA GLN A 67 -12.53 21.66 -2.37
C GLN A 67 -13.89 21.69 -3.06
N ARG A 68 -14.13 22.74 -3.85
CA ARG A 68 -15.36 22.86 -4.62
C ARG A 68 -15.02 23.25 -6.04
N TRP A 69 -15.72 22.63 -6.99
CA TRP A 69 -15.62 22.99 -8.38
C TRP A 69 -16.93 22.62 -9.08
N LYS A 70 -17.05 22.98 -10.36
CA LYS A 70 -18.29 22.79 -11.09
C LYS A 70 -17.99 22.30 -12.49
N LEU A 71 -18.67 21.23 -12.93
CA LEU A 71 -18.56 20.72 -14.29
C LEU A 71 -19.93 20.73 -14.96
N ASN A 72 -19.96 21.21 -16.21
CA ASN A 72 -21.17 21.15 -17.03
C ASN A 72 -21.60 19.70 -17.22
N SER A 73 -20.64 18.80 -17.38
CA SER A 73 -20.94 17.39 -17.62
C SER A 73 -21.57 16.69 -16.41
N LEU A 74 -21.63 17.34 -15.24
CA LEU A 74 -22.25 16.73 -14.06
C LEU A 74 -23.61 17.36 -13.74
N MET A 75 -24.13 18.19 -14.66
CA MET A 75 -25.42 18.85 -14.46
C MET A 75 -26.56 17.89 -14.81
N TRP A 76 -27.69 18.01 -14.10
CA TRP A 76 -28.92 17.37 -14.53
C TRP A 76 -30.13 18.21 -14.10
N ASP A 77 -31.29 17.88 -14.66
CA ASP A 77 -32.55 18.49 -14.29
C ASP A 77 -33.22 17.62 -13.24
N PRO A 78 -33.41 18.11 -11.98
CA PRO A 78 -34.07 17.32 -10.94
C PRO A 78 -35.44 16.76 -11.31
N ASN A 79 -36.17 17.46 -12.18
CA ASN A 79 -37.52 17.07 -12.55
C ASN A 79 -37.50 15.77 -13.36
N GLU A 80 -36.37 15.48 -14.02
CA GLU A 80 -36.24 14.26 -14.79
C GLU A 80 -35.80 13.09 -13.92
N TYR A 81 -35.53 13.33 -12.62
CA TYR A 81 -35.02 12.28 -11.74
C TYR A 81 -35.66 12.36 -10.35
N GLY A 82 -36.98 12.57 -10.30
CA GLY A 82 -37.72 12.45 -9.06
C GLY A 82 -37.34 13.51 -8.03
N ASN A 83 -36.92 14.69 -8.51
CA ASN A 83 -36.52 15.81 -7.67
C ASN A 83 -35.26 15.50 -6.84
N ILE A 84 -34.41 14.59 -7.33
CA ILE A 84 -33.08 14.45 -6.74
C ILE A 84 -32.27 15.68 -7.09
N THR A 85 -31.76 16.36 -6.04
CA THR A 85 -31.01 17.59 -6.20
C THR A 85 -29.52 17.37 -5.91
N ASP A 86 -29.15 16.25 -5.28
CA ASP A 86 -27.74 15.91 -5.10
C ASP A 86 -27.58 14.45 -4.71
N PHE A 87 -26.33 13.97 -4.71
CA PHE A 87 -26.02 12.61 -4.31
C PHE A 87 -24.56 12.50 -3.87
N ARG A 88 -24.27 11.45 -3.11
CA ARG A 88 -22.93 11.12 -2.64
C ARG A 88 -22.33 10.09 -3.58
N THR A 89 -21.02 10.20 -3.83
CA THR A 89 -20.36 9.25 -4.71
C THR A 89 -18.90 9.13 -4.31
N SER A 90 -18.36 7.93 -4.53
CA SER A 90 -16.94 7.69 -4.38
C SER A 90 -16.15 8.69 -5.22
N ALA A 91 -15.10 9.28 -4.64
CA ALA A 91 -14.25 10.22 -5.36
C ALA A 91 -13.51 9.55 -6.52
N ALA A 92 -13.46 8.22 -6.53
CA ALA A 92 -12.87 7.46 -7.62
C ALA A 92 -13.79 7.45 -8.86
N ASP A 93 -15.08 7.76 -8.70
CA ASP A 93 -16.03 7.75 -9.81
C ASP A 93 -15.99 9.05 -10.60
N ILE A 94 -15.31 10.08 -10.07
CA ILE A 94 -15.34 11.37 -10.71
C ILE A 94 -13.90 11.86 -10.85
N TRP A 95 -13.73 12.84 -11.72
CA TRP A 95 -12.50 13.59 -11.78
C TRP A 95 -12.36 14.44 -10.50
N THR A 96 -11.15 14.51 -9.94
CA THR A 96 -10.85 15.39 -8.84
C THR A 96 -9.58 16.17 -9.14
N PRO A 97 -9.44 17.41 -8.65
CA PRO A 97 -8.25 18.21 -8.93
C PRO A 97 -7.03 17.73 -8.15
N ASP A 98 -5.85 17.91 -8.76
CA ASP A 98 -4.57 17.42 -8.26
C ASP A 98 -3.92 18.48 -7.37
N ILE A 99 -4.67 18.96 -6.36
CA ILE A 99 -4.17 19.99 -5.45
C ILE A 99 -3.10 19.37 -4.57
N THR A 100 -1.91 19.99 -4.57
CA THR A 100 -0.72 19.41 -3.98
C THR A 100 -0.03 20.49 -3.15
N ALA A 101 0.49 20.10 -1.97
CA ALA A 101 1.36 20.95 -1.19
C ALA A 101 2.71 21.01 -1.90
N TYR A 102 3.31 22.21 -1.97
CA TYR A 102 4.53 22.41 -2.75
C TYR A 102 5.77 22.11 -1.92
N SER A 103 5.64 21.96 -0.59
CA SER A 103 6.83 21.75 0.24
C SER A 103 6.59 20.67 1.30
N SER A 104 5.84 19.63 0.95
CA SER A 104 5.69 18.44 1.78
C SER A 104 7.02 17.70 1.85
N THR A 105 7.21 16.93 2.94
CA THR A 105 8.40 16.10 3.11
C THR A 105 8.04 14.62 3.20
N ARG A 106 6.74 14.29 3.17
CA ARG A 106 6.22 12.92 3.24
C ARG A 106 4.93 12.87 2.43
N PRO A 107 4.49 11.71 1.90
CA PRO A 107 3.15 11.61 1.32
C PRO A 107 2.10 11.99 2.35
N VAL A 108 1.09 12.74 1.91
CA VAL A 108 -0.07 13.08 2.71
C VAL A 108 -0.75 11.81 3.18
N GLN A 109 -1.16 11.79 4.45
CA GLN A 109 -1.97 10.68 4.97
C GLN A 109 -3.44 11.12 4.97
N VAL A 110 -4.29 10.29 4.38
CA VAL A 110 -5.70 10.58 4.22
C VAL A 110 -6.44 10.04 5.43
N LEU A 111 -7.23 10.89 6.09
CA LEU A 111 -7.83 10.54 7.38
C LEU A 111 -9.35 10.38 7.26
N SER A 112 -9.93 10.68 6.10
CA SER A 112 -11.38 10.61 5.91
C SER A 112 -11.71 9.77 4.69
N PRO A 113 -12.94 9.24 4.59
CA PRO A 113 -13.38 8.50 3.41
C PRO A 113 -13.39 9.36 2.14
N GLN A 114 -13.07 8.74 1.01
CA GLN A 114 -12.90 9.43 -0.25
C GLN A 114 -14.26 9.51 -0.95
N ILE A 115 -15.15 10.37 -0.44
CA ILE A 115 -16.51 10.47 -0.94
C ILE A 115 -16.82 11.96 -1.14
N ALA A 116 -17.49 12.29 -2.25
CA ALA A 116 -17.85 13.65 -2.58
C ALA A 116 -19.37 13.77 -2.71
N VAL A 117 -19.85 15.01 -2.69
CA VAL A 117 -21.25 15.35 -2.90
C VAL A 117 -21.36 16.09 -4.23
N VAL A 118 -22.23 15.62 -5.11
CA VAL A 118 -22.50 16.24 -6.40
C VAL A 118 -23.91 16.82 -6.38
N THR A 119 -24.05 18.07 -6.85
CA THR A 119 -25.31 18.78 -6.89
C THR A 119 -25.72 18.97 -8.34
N HIS A 120 -27.03 19.17 -8.57
CA HIS A 120 -27.65 19.15 -9.90
C HIS A 120 -27.13 20.26 -10.82
N ASP A 121 -26.58 21.33 -10.25
CA ASP A 121 -25.97 22.39 -11.05
C ASP A 121 -24.56 22.00 -11.50
N GLY A 122 -24.10 20.79 -11.15
CA GLY A 122 -22.79 20.32 -11.59
C GLY A 122 -21.67 20.60 -10.58
N SER A 123 -22.01 21.22 -9.43
CA SER A 123 -21.03 21.52 -8.43
C SER A 123 -20.69 20.26 -7.64
N VAL A 124 -19.40 20.13 -7.32
CA VAL A 124 -18.89 19.04 -6.52
C VAL A 124 -18.27 19.63 -5.27
N MET A 125 -18.51 18.98 -4.13
CA MET A 125 -17.81 19.32 -2.91
C MET A 125 -17.13 18.08 -2.34
N PHE A 126 -15.85 18.23 -2.00
CA PHE A 126 -14.99 17.16 -1.53
C PHE A 126 -14.15 17.72 -0.40
N ILE A 127 -14.17 17.06 0.77
CA ILE A 127 -13.53 17.61 1.96
C ILE A 127 -12.60 16.55 2.56
N PRO A 128 -11.44 16.28 1.95
CA PRO A 128 -10.46 15.35 2.53
C PRO A 128 -9.81 15.88 3.80
N ALA A 129 -9.83 15.05 4.85
CA ALA A 129 -9.01 15.28 6.03
C ALA A 129 -7.63 14.68 5.82
N GLN A 130 -6.60 15.38 6.27
CA GLN A 130 -5.23 15.06 5.94
C GLN A 130 -4.30 15.30 7.12
N ARG A 131 -3.26 14.48 7.18
CA ARG A 131 -2.07 14.80 7.96
C ARG A 131 -0.93 15.08 6.98
N LEU A 132 -0.32 16.25 7.12
CA LEU A 132 0.74 16.72 6.23
C LEU A 132 2.00 17.01 7.05
N SER A 133 3.14 16.45 6.62
CA SER A 133 4.45 16.90 7.05
C SER A 133 5.01 17.86 6.01
N PHE A 134 5.46 19.05 6.45
CA PHE A 134 5.99 20.03 5.53
C PHE A 134 7.17 20.78 6.16
N MET A 135 7.91 21.48 5.29
CA MET A 135 9.14 22.15 5.66
C MET A 135 8.82 23.39 6.49
N CYS A 136 9.39 23.43 7.70
CA CYS A 136 9.04 24.43 8.68
C CYS A 136 10.07 24.43 9.80
N ASP A 137 10.70 25.60 9.99
CA ASP A 137 11.62 25.83 11.09
C ASP A 137 10.82 26.35 12.29
N PRO A 138 10.67 25.57 13.38
CA PRO A 138 9.88 26.02 14.53
C PRO A 138 10.59 26.94 15.52
N THR A 139 11.73 27.53 15.14
CA THR A 139 12.43 28.48 15.98
C THR A 139 11.51 29.61 16.40
N GLY A 140 11.51 29.92 17.70
CA GLY A 140 10.68 30.96 18.26
C GLY A 140 9.36 30.42 18.83
N VAL A 141 9.12 29.12 18.70
CA VAL A 141 7.84 28.54 19.09
C VAL A 141 7.70 28.61 20.61
N ASP A 142 8.83 28.59 21.32
CA ASP A 142 8.85 28.73 22.77
C ASP A 142 8.96 30.20 23.16
N SER A 143 8.43 31.12 22.36
CA SER A 143 8.48 32.53 22.66
C SER A 143 7.08 33.12 22.48
N GLU A 144 6.89 34.35 22.96
CA GLU A 144 5.58 34.99 22.95
C GLU A 144 5.14 35.23 21.51
N GLU A 145 6.08 35.61 20.64
CA GLU A 145 5.79 35.90 19.26
C GLU A 145 5.64 34.62 18.43
N GLY A 146 6.17 33.49 18.92
CA GLY A 146 5.92 32.20 18.30
C GLY A 146 6.73 32.01 17.03
N ALA A 147 6.43 30.94 16.29
CA ALA A 147 7.04 30.66 15.01
C ALA A 147 6.03 30.91 13.91
N THR A 148 6.54 31.14 12.70
CA THR A 148 5.71 31.28 11.52
C THR A 148 6.15 30.26 10.48
N CYS A 149 5.20 29.50 9.94
CA CYS A 149 5.50 28.69 8.78
C CYS A 149 4.46 28.88 7.68
N ALA A 150 4.85 28.52 6.45
CA ALA A 150 4.01 28.70 5.28
C ALA A 150 4.12 27.48 4.37
N VAL A 151 3.02 27.15 3.70
CA VAL A 151 3.06 26.13 2.67
C VAL A 151 2.07 26.51 1.58
N LYS A 152 2.48 26.34 0.32
CA LYS A 152 1.66 26.65 -0.82
C LYS A 152 0.97 25.39 -1.32
N PHE A 153 -0.30 25.57 -1.73
CA PHE A 153 -1.08 24.52 -2.35
C PHE A 153 -1.48 24.95 -3.76
N GLY A 154 -1.39 24.02 -4.71
CA GLY A 154 -1.93 24.26 -6.04
C GLY A 154 -1.86 23.00 -6.90
N SER A 155 -2.33 23.12 -8.13
CA SER A 155 -2.25 22.04 -9.09
C SER A 155 -0.78 21.73 -9.35
N TRP A 156 -0.46 20.45 -9.50
CA TRP A 156 0.90 20.07 -9.84
C TRP A 156 1.12 20.20 -11.35
N VAL A 157 0.07 20.03 -12.16
CA VAL A 157 0.27 19.88 -13.59
C VAL A 157 -0.53 20.90 -14.41
N TYR A 158 -1.49 21.63 -13.83
CA TYR A 158 -2.31 22.57 -14.61
C TYR A 158 -1.92 24.01 -14.28
N SER A 159 -1.79 24.84 -15.31
CA SER A 159 -1.58 26.27 -15.14
C SER A 159 -2.91 26.97 -14.83
N GLY A 160 -2.83 28.27 -14.59
CA GLY A 160 -3.98 29.13 -14.31
C GLY A 160 -4.94 29.25 -15.49
N PHE A 161 -4.50 28.89 -16.69
CA PHE A 161 -5.36 28.86 -17.86
C PHE A 161 -6.30 27.66 -17.86
N GLU A 162 -6.02 26.63 -17.04
CA GLU A 162 -6.88 25.46 -16.98
C GLU A 162 -7.59 25.39 -15.63
N ILE A 163 -6.86 25.63 -14.53
CA ILE A 163 -7.43 25.61 -13.20
C ILE A 163 -7.10 26.93 -12.51
N ASP A 164 -8.12 27.71 -12.17
CA ASP A 164 -7.95 28.87 -11.30
C ASP A 164 -8.30 28.44 -9.88
N LEU A 165 -7.65 29.02 -8.87
CA LEU A 165 -8.01 28.77 -7.48
C LEU A 165 -8.64 30.02 -6.92
N LYS A 166 -9.55 29.87 -5.97
CA LYS A 166 -9.93 30.97 -5.10
C LYS A 166 -10.20 30.44 -3.70
N THR A 167 -10.31 31.39 -2.77
CA THR A 167 -10.78 31.15 -1.41
C THR A 167 -12.05 31.97 -1.19
N ASP A 168 -12.95 31.51 -0.32
CA ASP A 168 -14.12 32.30 0.04
C ASP A 168 -13.76 33.33 1.11
N THR A 169 -12.68 33.07 1.84
CA THR A 169 -12.18 33.97 2.87
C THR A 169 -10.67 33.76 2.98
N ASP A 170 -9.94 34.76 3.47
CA ASP A 170 -8.52 34.59 3.71
C ASP A 170 -8.28 34.11 5.14
N GLN A 171 -9.34 34.00 5.95
CA GLN A 171 -9.20 33.49 7.30
C GLN A 171 -9.36 31.98 7.31
N VAL A 172 -8.32 31.26 7.76
CA VAL A 172 -8.41 29.83 8.00
C VAL A 172 -9.40 29.57 9.13
N ASP A 173 -10.24 28.54 9.00
CA ASP A 173 -11.22 28.24 10.03
C ASP A 173 -10.51 27.56 11.20
N LEU A 174 -10.52 28.24 12.38
CA LEU A 174 -9.87 27.74 13.58
C LEU A 174 -10.88 27.29 14.64
N SER A 175 -12.17 27.25 14.29
CA SER A 175 -13.21 26.96 15.28
C SER A 175 -13.20 25.49 15.69
N SER A 176 -12.48 24.62 14.97
CA SER A 176 -12.34 23.22 15.34
C SER A 176 -10.94 22.89 15.85
N TYR A 177 -10.13 23.90 16.17
CA TYR A 177 -8.75 23.65 16.55
C TYR A 177 -8.72 22.97 17.91
N TYR A 178 -7.91 21.92 18.06
CA TYR A 178 -7.86 21.12 19.28
C TYR A 178 -7.40 22.00 20.44
N ALA A 179 -8.27 22.15 21.44
CA ALA A 179 -8.04 23.02 22.58
C ALA A 179 -6.88 22.54 23.46
N SER A 180 -6.55 21.24 23.47
CA SER A 180 -5.44 20.76 24.27
C SER A 180 -4.23 20.39 23.42
N SER A 181 -4.12 20.97 22.22
CA SER A 181 -2.92 20.85 21.39
C SER A 181 -1.69 21.29 22.19
N LYS A 182 -0.52 20.75 21.82
CA LYS A 182 0.73 21.27 22.38
C LYS A 182 0.98 22.70 21.91
N TYR A 183 0.35 23.11 20.79
CA TYR A 183 0.59 24.42 20.20
C TYR A 183 -0.72 25.19 20.07
N GLU A 184 -0.67 26.49 20.37
CA GLU A 184 -1.79 27.38 20.12
C GLU A 184 -1.51 28.22 18.88
N ILE A 185 -2.59 28.57 18.16
CA ILE A 185 -2.51 29.31 16.91
C ILE A 185 -2.69 30.78 17.21
N LEU A 186 -1.74 31.60 16.75
CA LEU A 186 -1.81 33.03 16.90
C LEU A 186 -2.48 33.64 15.66
N SER A 187 -2.24 33.05 14.49
CA SER A 187 -3.00 33.44 13.30
C SER A 187 -2.80 32.40 12.21
N ALA A 188 -3.78 32.34 11.32
CA ALA A 188 -3.74 31.42 10.19
C ALA A 188 -4.51 32.03 9.03
N THR A 189 -3.82 32.23 7.90
CA THR A 189 -4.41 32.83 6.71
C THR A 189 -4.18 31.95 5.49
N GLN A 190 -5.07 32.13 4.51
CA GLN A 190 -5.05 31.40 3.24
C GLN A 190 -5.26 32.41 2.12
N THR A 191 -4.22 32.63 1.30
CA THR A 191 -4.20 33.70 0.33
C THR A 191 -3.83 33.21 -1.07
N ARG A 192 -4.70 33.51 -2.05
CA ARG A 192 -4.45 33.26 -3.45
C ARG A 192 -3.23 34.05 -3.93
N GLN A 193 -2.33 33.41 -4.70
CA GLN A 193 -1.17 34.06 -5.29
C GLN A 193 -1.04 33.66 -6.76
N VAL A 194 -0.65 34.64 -7.61
CA VAL A 194 -0.41 34.42 -9.01
C VAL A 194 1.09 34.52 -9.23
N GLN A 195 1.68 33.45 -9.80
CA GLN A 195 3.13 33.35 -9.97
C GLN A 195 3.46 33.16 -11.44
N HIS A 196 4.58 33.70 -11.91
CA HIS A 196 5.14 33.31 -13.19
C HIS A 196 6.48 32.60 -12.98
N TYR A 197 6.72 31.60 -13.84
CA TYR A 197 8.00 30.90 -13.91
C TYR A 197 8.60 31.17 -15.28
N SER A 198 9.94 31.27 -15.34
CA SER A 198 10.67 31.67 -16.52
C SER A 198 10.47 30.69 -17.70
N CYS A 199 10.23 29.41 -17.40
CA CYS A 199 10.01 28.41 -18.44
C CYS A 199 8.80 28.74 -19.31
N CYS A 200 7.81 29.44 -18.76
CA CYS A 200 6.43 29.29 -19.15
C CYS A 200 5.74 30.66 -19.22
N PRO A 201 4.96 30.96 -20.29
CA PRO A 201 4.21 32.21 -20.36
C PRO A 201 2.95 32.27 -19.48
N GLU A 202 2.34 31.10 -19.20
CA GLU A 202 1.09 31.05 -18.48
C GLU A 202 1.32 31.35 -16.99
N PRO A 203 0.35 32.00 -16.30
CA PRO A 203 0.38 32.13 -14.85
C PRO A 203 0.08 30.81 -14.12
N TYR A 204 0.64 30.66 -12.93
CA TYR A 204 0.36 29.55 -12.04
C TYR A 204 -0.22 30.14 -10.76
N ILE A 205 -1.21 29.44 -10.21
CA ILE A 205 -1.97 29.92 -9.07
C ILE A 205 -1.69 28.97 -7.91
N ASP A 206 -1.55 29.53 -6.71
CA ASP A 206 -1.48 28.74 -5.51
C ASP A 206 -2.26 29.45 -4.40
N VAL A 207 -2.59 28.69 -3.34
CA VAL A 207 -3.07 29.27 -2.10
C VAL A 207 -1.98 29.06 -1.06
N ASN A 208 -1.56 30.17 -0.45
CA ASN A 208 -0.51 30.17 0.55
C ASN A 208 -1.12 30.12 1.95
N LEU A 209 -0.88 29.01 2.63
CA LEU A 209 -1.31 28.83 4.02
C LEU A 209 -0.19 29.27 4.95
N VAL A 210 -0.46 30.30 5.76
CA VAL A 210 0.54 30.87 6.66
C VAL A 210 0.01 30.73 8.09
N VAL A 211 0.76 30.02 8.95
CA VAL A 211 0.35 29.76 10.31
C VAL A 211 1.42 30.27 11.27
N LYS A 212 0.99 31.11 12.23
CA LYS A 212 1.82 31.54 13.34
C LYS A 212 1.35 30.83 14.61
N PHE A 213 2.28 30.22 15.32
CA PHE A 213 1.93 29.33 16.44
C PHE A 213 3.02 29.37 17.50
N ARG A 214 2.65 28.97 18.72
CA ARG A 214 3.61 28.87 19.81
C ARG A 214 3.17 27.78 20.79
N GLU A 215 4.10 27.36 21.65
CA GLU A 215 3.82 26.37 22.67
C GLU A 215 2.74 26.91 23.60
N ARG A 216 1.72 26.06 23.85
CA ARG A 216 0.67 26.37 24.80
C ARG A 216 1.29 26.37 26.20
N ARG A 217 1.14 27.47 26.95
CA ARG A 217 1.51 27.47 28.36
C ARG A 217 0.26 27.77 29.20
N ASP B 1 -24.44 31.50 -22.42
CA ASP B 1 -25.58 31.05 -23.28
C ASP B 1 -25.25 29.66 -23.83
N TYR B 2 -26.01 29.24 -24.85
CA TYR B 2 -25.86 27.90 -25.40
C TYR B 2 -24.48 27.75 -26.05
N LYS B 3 -24.06 28.76 -26.83
CA LYS B 3 -22.93 28.60 -27.73
C LYS B 3 -21.61 28.46 -26.95
N ASP B 4 -21.50 29.13 -25.80
CA ASP B 4 -20.35 29.00 -24.91
C ASP B 4 -20.24 27.57 -24.38
N ASP B 5 -21.38 27.01 -23.95
CA ASP B 5 -21.42 25.65 -23.43
C ASP B 5 -21.14 24.65 -24.56
N ASP B 6 -21.58 24.96 -25.78
CA ASP B 6 -21.38 24.10 -26.94
C ASP B 6 -19.89 24.03 -27.30
N ASP B 7 -19.20 25.17 -27.24
CA ASP B 7 -17.78 25.23 -27.51
C ASP B 7 -17.01 24.34 -26.53
N LYS B 8 -17.42 24.41 -25.24
CA LYS B 8 -16.80 23.63 -24.19
C LYS B 8 -17.03 22.15 -24.41
N LEU B 9 -18.24 21.76 -24.80
CA LEU B 9 -18.55 20.38 -25.13
C LEU B 9 -17.71 19.91 -26.30
N HIS B 10 -17.50 20.77 -27.30
CA HIS B 10 -16.73 20.43 -28.49
C HIS B 10 -15.23 20.27 -28.15
N SER B 11 -14.72 21.17 -27.29
CA SER B 11 -13.34 21.08 -26.88
C SER B 11 -13.10 19.78 -26.11
N GLN B 12 -14.05 19.40 -25.24
CA GLN B 12 -13.99 18.14 -24.51
C GLN B 12 -14.05 16.96 -25.45
N ALA B 13 -14.93 17.02 -26.46
CA ALA B 13 -15.12 15.94 -27.40
C ALA B 13 -13.86 15.76 -28.24
N ASN B 14 -13.21 16.88 -28.63
CA ASN B 14 -11.98 16.84 -29.40
C ASN B 14 -10.87 16.16 -28.60
N LEU B 15 -10.77 16.51 -27.31
CA LEU B 15 -9.73 15.95 -26.44
C LEU B 15 -9.97 14.47 -26.22
N MET B 16 -11.21 14.09 -25.92
CA MET B 16 -11.58 12.69 -25.73
C MET B 16 -11.28 11.92 -27.01
N ARG B 17 -11.53 12.52 -28.17
CA ARG B 17 -11.27 11.87 -29.45
C ARG B 17 -9.76 11.71 -29.67
N LEU B 18 -8.99 12.74 -29.32
CA LEU B 18 -7.54 12.69 -29.47
C LEU B 18 -6.96 11.58 -28.60
N LYS B 19 -7.38 11.52 -27.34
CA LYS B 19 -6.84 10.53 -26.42
C LYS B 19 -7.22 9.14 -26.88
N SER B 20 -8.45 8.98 -27.38
CA SER B 20 -8.91 7.71 -27.90
C SER B 20 -8.09 7.29 -29.12
N ASP B 21 -7.84 8.22 -30.05
CA ASP B 21 -7.03 7.94 -31.23
C ASP B 21 -5.61 7.50 -30.83
N LEU B 22 -4.99 8.17 -29.85
CA LEU B 22 -3.62 7.89 -29.51
C LEU B 22 -3.54 6.57 -28.72
N PHE B 23 -4.44 6.36 -27.76
CA PHE B 23 -4.27 5.32 -26.76
C PHE B 23 -5.05 4.06 -27.15
N ASN B 24 -6.34 4.20 -27.42
CA ASN B 24 -7.22 3.05 -27.63
C ASN B 24 -7.06 2.49 -29.04
N ARG B 25 -6.52 3.28 -29.97
CA ARG B 25 -6.48 2.90 -31.38
C ARG B 25 -5.03 2.84 -31.87
N SER B 26 -4.11 2.47 -30.98
CA SER B 26 -2.72 2.19 -31.30
C SER B 26 -2.14 1.34 -30.17
N PRO B 27 -1.49 0.21 -30.50
CA PRO B 27 -0.74 -0.55 -29.51
C PRO B 27 0.23 0.37 -28.76
N MET B 28 0.32 0.20 -27.43
CA MET B 28 1.16 1.05 -26.57
C MET B 28 2.64 0.86 -26.90
N TYR B 29 3.40 1.95 -26.77
CA TYR B 29 4.81 1.99 -27.14
C TYR B 29 5.53 0.93 -26.32
N PRO B 30 6.23 -0.03 -26.97
CA PRO B 30 6.85 -1.14 -26.26
C PRO B 30 8.19 -0.80 -25.61
N GLY B 31 8.55 0.50 -25.62
CA GLY B 31 9.81 0.94 -25.07
C GLY B 31 10.86 1.03 -26.17
N PRO B 32 12.04 1.62 -25.86
CA PRO B 32 13.10 1.78 -26.85
C PRO B 32 13.82 0.48 -27.14
N THR B 33 14.47 0.45 -28.30
CA THR B 33 15.27 -0.68 -28.73
C THR B 33 16.58 -0.14 -29.31
N LYS B 34 17.50 -1.08 -29.59
CA LYS B 34 18.77 -0.77 -30.20
C LYS B 34 18.58 -0.06 -31.54
N ASP B 35 17.52 -0.40 -32.27
CA ASP B 35 17.22 0.18 -33.57
C ASP B 35 16.44 1.50 -33.43
N ASP B 36 15.76 1.69 -32.30
CA ASP B 36 14.91 2.86 -32.08
C ASP B 36 15.19 3.39 -30.68
N PRO B 37 16.41 3.95 -30.44
CA PRO B 37 16.79 4.38 -29.10
C PRO B 37 16.12 5.70 -28.71
N LEU B 38 16.20 6.04 -27.43
CA LEU B 38 15.46 7.16 -26.90
C LEU B 38 16.37 7.96 -25.98
N THR B 39 16.29 9.30 -26.06
CA THR B 39 17.05 10.15 -25.18
C THR B 39 16.10 10.79 -24.18
N VAL B 40 16.44 10.61 -22.89
CA VAL B 40 15.67 11.19 -21.80
C VAL B 40 16.52 12.28 -21.17
N THR B 41 15.94 13.48 -21.07
CA THR B 41 16.57 14.59 -20.38
C THR B 41 16.10 14.61 -18.93
N LEU B 42 17.06 14.70 -18.00
CA LEU B 42 16.82 14.74 -16.58
C LEU B 42 17.34 16.05 -16.01
N GLY B 43 16.57 16.63 -15.10
CA GLY B 43 17.05 17.75 -14.31
C GLY B 43 16.47 17.68 -12.89
N PHE B 44 17.28 18.03 -11.90
CA PHE B 44 16.89 17.97 -10.51
C PHE B 44 16.70 19.38 -9.95
N THR B 45 15.64 19.51 -9.14
CA THR B 45 15.40 20.69 -8.32
C THR B 45 15.39 20.24 -6.87
N LEU B 46 16.43 20.61 -6.13
CA LEU B 46 16.59 20.15 -4.76
C LEU B 46 15.89 21.13 -3.81
N GLN B 47 14.93 20.60 -3.03
CA GLN B 47 14.13 21.41 -2.14
C GLN B 47 14.66 21.36 -0.71
N ASP B 48 15.12 20.21 -0.24
CA ASP B 48 15.51 20.09 1.15
C ASP B 48 16.34 18.84 1.39
N ILE B 49 17.41 18.99 2.19
CA ILE B 49 17.99 17.87 2.90
C ILE B 49 17.30 17.82 4.26
N VAL B 50 16.46 16.79 4.44
CA VAL B 50 15.60 16.72 5.60
C VAL B 50 16.39 16.18 6.79
N LYS B 51 17.24 15.18 6.55
CA LYS B 51 17.81 14.37 7.61
C LYS B 51 19.13 13.76 7.13
N ALA B 52 20.13 13.76 8.00
CA ALA B 52 21.38 13.05 7.77
C ALA B 52 21.67 12.17 8.99
N ASP B 53 21.57 10.85 8.80
CA ASP B 53 21.69 9.90 9.89
C ASP B 53 23.11 9.32 9.90
N SER B 54 23.92 9.75 10.86
CA SER B 54 25.30 9.28 10.94
C SER B 54 25.39 7.93 11.67
N SER B 55 24.28 7.42 12.21
CA SER B 55 24.33 6.09 12.81
C SER B 55 24.16 5.01 11.74
N THR B 56 23.57 5.33 10.58
CA THR B 56 23.37 4.35 9.51
C THR B 56 23.94 4.79 8.16
N ASN B 57 24.47 6.02 8.09
CA ASN B 57 24.98 6.60 6.84
C ASN B 57 23.91 6.57 5.76
N GLU B 58 22.76 7.16 6.10
CA GLU B 58 21.66 7.40 5.18
C GLU B 58 21.31 8.89 5.25
N VAL B 59 21.10 9.51 4.08
CA VAL B 59 20.59 10.87 4.02
C VAL B 59 19.28 10.89 3.24
N ASP B 60 18.36 11.76 3.68
CA ASP B 60 17.04 11.92 3.08
C ASP B 60 16.94 13.27 2.36
N LEU B 61 16.66 13.23 1.05
CA LEU B 61 16.48 14.42 0.21
C LEU B 61 15.02 14.52 -0.24
N VAL B 62 14.56 15.76 -0.39
CA VAL B 62 13.31 16.05 -1.07
C VAL B 62 13.63 16.89 -2.30
N TYR B 63 13.18 16.45 -3.47
CA TYR B 63 13.48 17.09 -4.73
C TYR B 63 12.37 16.75 -5.72
N TYR B 64 12.38 17.46 -6.85
CA TYR B 64 11.60 16.98 -7.97
C TYR B 64 12.52 16.83 -9.17
N GLU B 65 12.18 15.83 -9.98
CA GLU B 65 12.99 15.37 -11.08
C GLU B 65 12.20 15.62 -12.36
N GLN B 66 12.68 16.54 -13.18
CA GLN B 66 12.09 16.77 -14.47
C GLN B 66 12.59 15.71 -15.46
N GLN B 67 11.64 14.99 -16.08
CA GLN B 67 11.94 14.01 -17.11
C GLN B 67 11.26 14.42 -18.41
N ARG B 68 12.03 14.44 -19.50
CA ARG B 68 11.49 14.78 -20.81
C ARG B 68 12.00 13.80 -21.86
N TRP B 69 11.08 13.40 -22.74
CA TRP B 69 11.43 12.57 -23.88
C TRP B 69 10.37 12.82 -24.97
N LYS B 70 10.57 12.21 -26.14
CA LYS B 70 9.73 12.51 -27.30
C LYS B 70 9.48 11.24 -28.11
N LEU B 71 8.21 10.97 -28.43
CA LEU B 71 7.80 9.80 -29.19
C LEU B 71 7.04 10.22 -30.44
N ASN B 72 7.39 9.62 -31.58
CA ASN B 72 6.67 9.81 -32.82
C ASN B 72 5.22 9.35 -32.65
N SER B 73 5.01 8.27 -31.90
CA SER B 73 3.67 7.72 -31.71
C SER B 73 2.76 8.64 -30.89
N LEU B 74 3.27 9.71 -30.28
CA LEU B 74 2.43 10.63 -29.52
C LEU B 74 2.21 11.95 -30.26
N MET B 75 2.60 12.03 -31.54
CA MET B 75 2.44 13.23 -32.32
C MET B 75 1.02 13.34 -32.87
N TRP B 76 0.51 14.57 -33.00
CA TRP B 76 -0.72 14.81 -33.74
C TRP B 76 -0.67 16.21 -34.35
N ASP B 77 -1.59 16.45 -35.29
CA ASP B 77 -1.80 17.74 -35.90
C ASP B 77 -2.88 18.48 -35.13
N PRO B 78 -2.58 19.62 -34.45
CA PRO B 78 -3.59 20.37 -33.72
C PRO B 78 -4.83 20.77 -34.52
N ASN B 79 -4.65 20.97 -35.84
CA ASN B 79 -5.74 21.42 -36.69
C ASN B 79 -6.80 20.33 -36.86
N GLU B 80 -6.42 19.07 -36.64
CA GLU B 80 -7.36 17.97 -36.71
C GLU B 80 -8.09 17.77 -35.39
N TYR B 81 -7.73 18.53 -34.34
CA TYR B 81 -8.32 18.32 -33.02
C TYR B 81 -8.63 19.63 -32.32
N GLY B 82 -9.20 20.59 -33.05
CA GLY B 82 -9.70 21.81 -32.45
C GLY B 82 -8.60 22.68 -31.86
N ASN B 83 -7.40 22.61 -32.43
CA ASN B 83 -6.24 23.38 -31.99
C ASN B 83 -5.77 22.97 -30.59
N ILE B 84 -6.04 21.73 -30.18
CA ILE B 84 -5.43 21.20 -28.97
C ILE B 84 -3.95 21.00 -29.24
N THR B 85 -3.09 21.65 -28.42
CA THR B 85 -1.65 21.59 -28.60
C THR B 85 -0.98 20.75 -27.53
N ASP B 86 -1.69 20.46 -26.43
CA ASP B 86 -1.19 19.54 -25.41
C ASP B 86 -2.33 19.06 -24.52
N PHE B 87 -2.03 18.06 -23.69
CA PHE B 87 -3.00 17.56 -22.72
C PHE B 87 -2.28 16.90 -21.55
N ARG B 88 -2.98 16.81 -20.43
CA ARG B 88 -2.53 16.13 -19.23
C ARG B 88 -3.09 14.71 -19.23
N THR B 89 -2.28 13.77 -18.76
CA THR B 89 -2.73 12.39 -18.72
C THR B 89 -2.04 11.67 -17.59
N SER B 90 -2.76 10.72 -17.02
CA SER B 90 -2.22 9.81 -16.03
C SER B 90 -0.96 9.15 -16.59
N ALA B 91 0.10 9.09 -15.77
CA ALA B 91 1.35 8.43 -16.14
C ALA B 91 1.16 6.94 -16.44
N ALA B 92 0.05 6.36 -15.97
CA ALA B 92 -0.27 4.97 -16.24
C ALA B 92 -0.76 4.76 -17.68
N ASP B 93 -1.20 5.81 -18.36
CA ASP B 93 -1.73 5.71 -19.71
C ASP B 93 -0.62 5.74 -20.77
N ILE B 94 0.62 6.08 -20.35
CA ILE B 94 1.70 6.20 -21.31
C ILE B 94 2.89 5.40 -20.80
N TRP B 95 3.82 5.12 -21.71
CA TRP B 95 5.11 4.62 -21.31
C TRP B 95 5.87 5.72 -20.58
N THR B 96 6.56 5.35 -19.49
CA THR B 96 7.46 6.27 -18.81
C THR B 96 8.79 5.54 -18.57
N PRO B 97 9.92 6.26 -18.54
CA PRO B 97 11.22 5.62 -18.34
C PRO B 97 11.40 5.16 -16.89
N ASP B 98 12.17 4.07 -16.72
CA ASP B 98 12.35 3.41 -15.43
C ASP B 98 13.58 3.99 -14.73
N ILE B 99 13.62 5.33 -14.59
CA ILE B 99 14.74 6.01 -13.97
C ILE B 99 14.76 5.71 -12.48
N THR B 100 15.89 5.19 -12.01
CA THR B 100 16.03 4.62 -10.68
C THR B 100 17.30 5.17 -10.05
N ALA B 101 17.23 5.50 -8.75
CA ALA B 101 18.42 5.77 -7.96
C ALA B 101 19.16 4.46 -7.71
N TYR B 102 20.49 4.46 -7.83
CA TYR B 102 21.26 3.23 -7.78
C TYR B 102 21.65 2.86 -6.35
N SER B 103 21.52 3.77 -5.40
CA SER B 103 21.99 3.51 -4.04
C SER B 103 20.98 3.99 -3.00
N SER B 104 19.69 3.86 -3.29
CA SER B 104 18.63 4.07 -2.32
C SER B 104 18.68 2.99 -1.26
N THR B 105 18.17 3.31 -0.06
CA THR B 105 18.09 2.36 1.05
C THR B 105 16.65 2.13 1.48
N ARG B 106 15.69 2.81 0.82
CA ARG B 106 14.27 2.68 1.09
C ARG B 106 13.53 2.96 -0.21
N PRO B 107 12.32 2.40 -0.44
CA PRO B 107 11.54 2.79 -1.63
C PRO B 107 11.31 4.29 -1.61
N VAL B 108 11.41 4.91 -2.80
CA VAL B 108 11.15 6.32 -2.98
C VAL B 108 9.71 6.62 -2.56
N GLN B 109 9.51 7.71 -1.85
CA GLN B 109 8.16 8.16 -1.53
C GLN B 109 7.77 9.26 -2.52
N VAL B 110 6.60 9.06 -3.14
CA VAL B 110 6.13 9.94 -4.21
C VAL B 110 5.30 11.04 -3.56
N LEU B 111 5.63 12.30 -3.85
CA LEU B 111 5.01 13.43 -3.17
C LEU B 111 4.09 14.21 -4.11
N SER B 112 4.02 13.84 -5.40
CA SER B 112 3.24 14.58 -6.38
C SER B 112 2.34 13.63 -7.15
N PRO B 113 1.26 14.12 -7.78
CA PRO B 113 0.39 13.27 -8.60
C PRO B 113 1.12 12.71 -9.83
N GLN B 114 0.76 11.49 -10.21
CA GLN B 114 1.43 10.78 -11.29
C GLN B 114 0.74 11.13 -12.61
N ILE B 115 0.95 12.37 -13.05
CA ILE B 115 0.31 12.93 -14.23
C ILE B 115 1.42 13.61 -15.04
N ALA B 116 1.38 13.41 -16.36
CA ALA B 116 2.34 13.99 -17.29
C ALA B 116 1.61 14.94 -18.27
N VAL B 117 2.40 15.77 -18.96
CA VAL B 117 1.91 16.63 -20.03
C VAL B 117 2.48 16.15 -21.36
N VAL B 118 1.60 15.92 -22.33
CA VAL B 118 1.98 15.51 -23.67
C VAL B 118 1.68 16.65 -24.64
N THR B 119 2.65 16.95 -25.51
CA THR B 119 2.54 18.02 -26.49
C THR B 119 2.44 17.41 -27.90
N HIS B 120 1.87 18.18 -28.84
CA HIS B 120 1.51 17.71 -30.16
C HIS B 120 2.72 17.25 -30.99
N ASP B 121 3.93 17.71 -30.66
CA ASP B 121 5.14 17.24 -31.31
C ASP B 121 5.59 15.89 -30.75
N GLY B 122 4.85 15.32 -29.81
CA GLY B 122 5.19 14.02 -29.25
C GLY B 122 6.03 14.10 -27.98
N SER B 123 6.35 15.32 -27.52
CA SER B 123 7.19 15.47 -26.34
C SER B 123 6.34 15.24 -25.08
N VAL B 124 6.97 14.59 -24.11
CA VAL B 124 6.33 14.32 -22.83
C VAL B 124 7.16 14.98 -21.75
N MET B 125 6.47 15.61 -20.79
CA MET B 125 7.13 16.07 -19.59
C MET B 125 6.47 15.47 -18.36
N PHE B 126 7.30 14.94 -17.45
CA PHE B 126 6.85 14.32 -16.22
C PHE B 126 7.77 14.79 -15.09
N ILE B 127 7.18 15.31 -14.00
CA ILE B 127 7.96 15.94 -12.95
C ILE B 127 7.57 15.35 -11.60
N PRO B 128 7.98 14.10 -11.30
CA PRO B 128 7.74 13.53 -9.97
C PRO B 128 8.55 14.18 -8.85
N ALA B 129 7.85 14.58 -7.80
CA ALA B 129 8.46 15.02 -6.55
C ALA B 129 8.65 13.78 -5.67
N GLN B 130 9.79 13.72 -4.98
CA GLN B 130 10.22 12.51 -4.31
C GLN B 130 10.93 12.83 -3.00
N ARG B 131 10.76 11.92 -2.03
CA ARG B 131 11.66 11.83 -0.90
C ARG B 131 12.47 10.54 -1.04
N LEU B 132 13.81 10.70 -1.03
CA LEU B 132 14.75 9.62 -1.25
C LEU B 132 15.66 9.47 -0.04
N SER B 133 15.76 8.25 0.50
CA SER B 133 16.84 7.87 1.40
C SER B 133 17.93 7.15 0.61
N PHE B 134 19.17 7.61 0.73
CA PHE B 134 20.26 6.99 0.00
C PHE B 134 21.53 6.95 0.85
N MET B 135 22.48 6.13 0.37
CA MET B 135 23.72 5.85 1.07
C MET B 135 24.63 7.08 1.03
N CYS B 136 25.00 7.56 2.21
CA CYS B 136 25.70 8.82 2.36
C CYS B 136 26.27 8.90 3.78
N ASP B 137 27.59 9.10 3.84
CA ASP B 137 28.30 9.33 5.07
C ASP B 137 28.33 10.83 5.33
N PRO B 138 27.61 11.35 6.34
CA PRO B 138 27.60 12.80 6.59
C PRO B 138 28.78 13.36 7.40
N THR B 139 29.86 12.59 7.55
CA THR B 139 31.06 13.06 8.22
C THR B 139 31.54 14.36 7.59
N GLY B 140 31.81 15.36 8.45
CA GLY B 140 32.28 16.65 8.01
C GLY B 140 31.15 17.67 7.88
N VAL B 141 29.90 17.24 8.13
CA VAL B 141 28.74 18.10 7.90
C VAL B 141 28.76 19.25 8.91
N ASP B 142 29.33 19.00 10.08
CA ASP B 142 29.51 20.02 11.11
C ASP B 142 30.86 20.73 10.94
N SER B 143 31.33 20.88 9.70
CA SER B 143 32.57 21.60 9.44
C SER B 143 32.35 22.57 8.28
N GLU B 144 33.31 23.47 8.09
CA GLU B 144 33.19 24.52 7.10
C GLU B 144 33.15 23.93 5.70
N GLU B 145 33.92 22.87 5.47
CA GLU B 145 34.01 22.21 4.18
C GLU B 145 32.80 21.31 3.94
N GLY B 146 32.11 20.90 5.01
CA GLY B 146 30.87 20.15 4.87
C GLY B 146 31.10 18.70 4.46
N ALA B 147 30.03 18.00 4.14
CA ALA B 147 30.07 16.63 3.65
C ALA B 147 29.73 16.61 2.18
N THR B 148 30.16 15.56 1.50
CA THR B 148 29.85 15.35 0.09
C THR B 148 29.21 13.98 -0.07
N CYS B 149 28.07 13.92 -0.76
CA CYS B 149 27.48 12.65 -1.11
C CYS B 149 27.07 12.64 -2.57
N ALA B 150 26.87 11.41 -3.09
CA ALA B 150 26.60 11.22 -4.51
C ALA B 150 25.61 10.07 -4.68
N VAL B 151 24.72 10.23 -5.66
CA VAL B 151 23.82 9.14 -6.02
C VAL B 151 23.60 9.17 -7.52
N LYS B 152 23.65 7.99 -8.14
CA LYS B 152 23.46 7.88 -9.58
C LYS B 152 22.01 7.54 -9.90
N PHE B 153 21.52 8.14 -10.97
CA PHE B 153 20.20 7.86 -11.51
C PHE B 153 20.33 7.34 -12.94
N GLY B 154 19.61 6.27 -13.25
CA GLY B 154 19.56 5.77 -14.61
C GLY B 154 18.50 4.69 -14.75
N SER B 155 18.35 4.20 -15.97
CA SER B 155 17.49 3.07 -16.24
C SER B 155 17.96 1.86 -15.45
N TRP B 156 17.02 1.07 -14.95
CA TRP B 156 17.37 -0.15 -14.25
C TRP B 156 17.60 -1.27 -15.26
N VAL B 157 16.94 -1.24 -16.42
CA VAL B 157 16.96 -2.39 -17.31
C VAL B 157 17.48 -2.07 -18.72
N TYR B 158 17.67 -0.80 -19.10
CA TYR B 158 18.10 -0.48 -20.46
C TYR B 158 19.54 0.04 -20.44
N SER B 159 20.35 -0.48 -21.38
CA SER B 159 21.71 0.00 -21.57
C SER B 159 21.70 1.28 -22.40
N GLY B 160 22.91 1.82 -22.62
CA GLY B 160 23.12 3.02 -23.42
C GLY B 160 22.75 2.84 -24.89
N PHE B 161 22.61 1.58 -25.34
CA PHE B 161 22.17 1.30 -26.70
C PHE B 161 20.66 1.56 -26.89
N GLU B 162 19.89 1.60 -25.79
CA GLU B 162 18.45 1.79 -25.88
C GLU B 162 18.05 3.14 -25.28
N ILE B 163 18.61 3.50 -24.12
CA ILE B 163 18.30 4.77 -23.48
C ILE B 163 19.59 5.57 -23.28
N ASP B 164 19.64 6.75 -23.88
CA ASP B 164 20.63 7.75 -23.55
C ASP B 164 20.00 8.76 -22.59
N LEU B 165 20.79 9.28 -21.67
CA LEU B 165 20.37 10.35 -20.77
C LEU B 165 21.14 11.59 -21.14
N LYS B 166 20.52 12.75 -20.93
CA LYS B 166 21.27 13.99 -20.87
C LYS B 166 20.69 14.92 -19.82
N THR B 167 21.46 15.99 -19.54
CA THR B 167 21.03 17.10 -18.72
C THR B 167 21.07 18.38 -19.58
N ASP B 168 20.21 19.36 -19.27
CA ASP B 168 20.28 20.64 -19.95
C ASP B 168 21.38 21.52 -19.35
N THR B 169 21.73 21.23 -18.09
CA THR B 169 22.80 21.94 -17.40
C THR B 169 23.37 20.98 -16.37
N ASP B 170 24.63 21.19 -15.96
CA ASP B 170 25.20 20.38 -14.90
C ASP B 170 24.95 21.01 -13.53
N GLN B 171 24.34 22.20 -13.51
CA GLN B 171 24.00 22.85 -12.25
C GLN B 171 22.60 22.40 -11.82
N VAL B 172 22.50 21.80 -10.63
CA VAL B 172 21.22 21.46 -10.02
C VAL B 172 20.47 22.75 -9.68
N ASP B 173 19.16 22.78 -9.90
CA ASP B 173 18.37 23.97 -9.59
C ASP B 173 18.19 24.08 -8.07
N LEU B 174 18.79 25.12 -7.49
CA LEU B 174 18.78 25.36 -6.06
C LEU B 174 17.93 26.59 -5.70
N SER B 175 17.21 27.16 -6.69
CA SER B 175 16.49 28.40 -6.46
C SER B 175 15.27 28.20 -5.56
N SER B 176 14.82 26.97 -5.33
CA SER B 176 13.70 26.68 -4.43
CA SER B 176 13.73 26.78 -4.37
C SER B 176 14.16 25.86 -3.23
N TYR B 177 15.45 25.90 -2.91
CA TYR B 177 15.98 25.18 -1.76
C TYR B 177 15.44 25.86 -0.50
N TYR B 178 14.97 25.07 0.47
CA TYR B 178 14.36 25.62 1.67
C TYR B 178 15.38 26.43 2.45
N ALA B 179 15.12 27.73 2.60
CA ALA B 179 16.06 28.66 3.21
C ALA B 179 16.27 28.37 4.70
N SER B 180 15.32 27.73 5.39
CA SER B 180 15.50 27.43 6.81
C SER B 180 15.73 25.94 7.05
N SER B 181 16.22 25.22 6.04
CA SER B 181 16.67 23.84 6.22
C SER B 181 17.71 23.75 7.33
N LYS B 182 17.83 22.57 7.94
CA LYS B 182 18.92 22.31 8.86
C LYS B 182 20.26 22.32 8.13
N TYR B 183 20.27 22.11 6.81
CA TYR B 183 21.50 22.00 6.05
C TYR B 183 21.50 23.04 4.93
N GLU B 184 22.65 23.68 4.72
CA GLU B 184 22.83 24.55 3.56
C GLU B 184 23.64 23.82 2.49
N ILE B 185 23.37 24.16 1.24
CA ILE B 185 24.00 23.54 0.09
C ILE B 185 25.18 24.39 -0.34
N LEU B 186 26.36 23.76 -0.42
CA LEU B 186 27.55 24.44 -0.89
C LEU B 186 27.67 24.27 -2.39
N SER B 187 27.28 23.10 -2.90
CA SER B 187 27.22 22.89 -4.34
C SER B 187 26.41 21.64 -4.63
N ALA B 188 25.82 21.63 -5.83
CA ALA B 188 25.02 20.51 -6.29
C ALA B 188 25.14 20.43 -7.81
N THR B 189 25.63 19.28 -8.30
CA THR B 189 25.83 19.08 -9.72
C THR B 189 25.14 17.79 -10.17
N GLN B 190 24.80 17.78 -11.46
CA GLN B 190 24.16 16.65 -12.12
C GLN B 190 24.91 16.41 -13.42
N THR B 191 25.62 15.28 -13.50
CA THR B 191 26.56 15.04 -14.58
C THR B 191 26.28 13.69 -15.23
N ARG B 192 26.10 13.72 -16.57
CA ARG B 192 25.97 12.52 -17.37
C ARG B 192 27.27 11.72 -17.29
N GLN B 193 27.16 10.41 -17.09
CA GLN B 193 28.32 9.52 -17.08
C GLN B 193 28.04 8.32 -17.97
N VAL B 194 29.10 7.90 -18.69
CA VAL B 194 29.12 6.62 -19.40
C VAL B 194 29.92 5.65 -18.55
N GLN B 195 29.30 4.54 -18.16
CA GLN B 195 29.85 3.59 -17.22
C GLN B 195 30.03 2.25 -17.91
N HIS B 196 31.18 1.64 -17.59
CA HIS B 196 31.45 0.27 -17.95
C HIS B 196 31.45 -0.56 -16.67
N TYR B 197 30.70 -1.67 -16.70
CA TYR B 197 30.69 -2.64 -15.63
C TYR B 197 31.32 -3.94 -16.14
N SER B 198 31.98 -4.66 -15.23
CA SER B 198 32.66 -5.91 -15.57
C SER B 198 31.71 -6.99 -16.04
N CYS B 199 30.43 -6.95 -15.63
CA CYS B 199 29.47 -7.97 -16.09
C CYS B 199 29.24 -7.90 -17.59
N CYS B 200 29.40 -6.71 -18.17
CA CYS B 200 28.64 -6.34 -19.36
C CYS B 200 29.54 -5.61 -20.36
N PRO B 201 29.55 -5.96 -21.66
CA PRO B 201 30.29 -5.18 -22.66
C PRO B 201 29.63 -3.87 -23.08
N GLU B 202 28.30 -3.79 -23.00
CA GLU B 202 27.57 -2.60 -23.42
C GLU B 202 27.75 -1.46 -22.42
N PRO B 203 27.79 -0.18 -22.86
CA PRO B 203 27.86 0.95 -21.95
C PRO B 203 26.52 1.23 -21.27
N TYR B 204 26.60 1.77 -20.04
CA TYR B 204 25.43 2.21 -19.31
C TYR B 204 25.56 3.69 -19.03
N ILE B 205 24.43 4.39 -19.05
CA ILE B 205 24.41 5.84 -18.85
C ILE B 205 23.69 6.12 -17.54
N ASP B 206 24.24 7.05 -16.77
CA ASP B 206 23.58 7.53 -15.57
C ASP B 206 23.81 9.04 -15.46
N VAL B 207 23.01 9.68 -14.61
CA VAL B 207 23.26 11.03 -14.16
C VAL B 207 23.65 10.97 -12.69
N ASN B 208 24.84 11.52 -12.39
CA ASN B 208 25.41 11.50 -11.06
C ASN B 208 25.08 12.81 -10.36
N LEU B 209 24.27 12.71 -9.30
CA LEU B 209 23.92 13.84 -8.47
C LEU B 209 24.90 13.91 -7.31
N VAL B 210 25.68 15.00 -7.24
CA VAL B 210 26.68 15.20 -6.22
C VAL B 210 26.29 16.44 -5.42
N VAL B 211 26.09 16.27 -4.10
CA VAL B 211 25.69 17.37 -3.24
C VAL B 211 26.72 17.52 -2.12
N LYS B 212 27.22 18.76 -1.95
CA LYS B 212 28.06 19.14 -0.84
C LYS B 212 27.26 20.06 0.07
N PHE B 213 27.22 19.73 1.36
CA PHE B 213 26.31 20.37 2.29
C PHE B 213 26.94 20.42 3.67
N ARG B 214 26.45 21.34 4.51
CA ARG B 214 26.86 21.42 5.90
C ARG B 214 25.73 21.96 6.76
N GLU B 215 25.86 21.80 8.07
CA GLU B 215 24.89 22.31 9.03
C GLU B 215 24.81 23.83 8.89
N ARG B 216 23.58 24.33 8.81
CA ARG B 216 23.34 25.77 8.74
CA ARG B 216 23.33 25.76 8.74
C ARG B 216 23.69 26.37 10.10
N ARG B 217 24.54 27.41 10.10
CA ARG B 217 24.85 28.17 11.31
C ARG B 217 24.29 29.58 11.17
N ASP C 4 14.48 6.13 -42.76
CA ASP C 4 14.95 6.21 -41.35
C ASP C 4 13.77 6.07 -40.40
N ASP C 5 12.75 6.92 -40.60
CA ASP C 5 11.54 6.88 -39.78
C ASP C 5 10.76 5.60 -40.04
N ASP C 6 10.78 5.09 -41.27
CA ASP C 6 10.08 3.86 -41.61
C ASP C 6 10.71 2.65 -40.90
N ASP C 7 12.04 2.62 -40.85
CA ASP C 7 12.75 1.54 -40.17
C ASP C 7 12.39 1.51 -38.69
N LYS C 8 12.31 2.71 -38.08
CA LYS C 8 11.95 2.86 -36.67
C LYS C 8 10.53 2.37 -36.41
N LEU C 9 9.60 2.74 -37.31
CA LEU C 9 8.22 2.28 -37.21
C LEU C 9 8.16 0.76 -37.33
N HIS C 10 8.98 0.18 -38.22
CA HIS C 10 9.01 -1.26 -38.44
C HIS C 10 9.61 -1.99 -37.24
N SER C 11 10.67 -1.43 -36.64
CA SER C 11 11.28 -2.03 -35.47
C SER C 11 10.29 -2.06 -34.31
N GLN C 12 9.52 -0.96 -34.14
CA GLN C 12 8.47 -0.88 -33.13
C GLN C 12 7.37 -1.89 -33.41
N ALA C 13 6.96 -2.01 -34.67
CA ALA C 13 5.89 -2.90 -35.08
C ALA C 13 6.30 -4.36 -34.85
N ASN C 14 7.57 -4.67 -35.12
CA ASN C 14 8.11 -6.02 -34.92
C ASN C 14 8.07 -6.39 -33.44
N LEU C 15 8.46 -5.45 -32.58
CA LEU C 15 8.50 -5.70 -31.14
C LEU C 15 7.07 -5.88 -30.60
N MET C 16 6.16 -4.98 -31.00
CA MET C 16 4.76 -5.07 -30.61
C MET C 16 4.19 -6.41 -31.06
N ARG C 17 4.56 -6.87 -32.26
CA ARG C 17 4.08 -8.12 -32.81
CA ARG C 17 4.08 -8.12 -32.81
C ARG C 17 4.66 -9.29 -32.01
N LEU C 18 5.95 -9.22 -31.66
CA LEU C 18 6.58 -10.27 -30.89
C LEU C 18 5.92 -10.42 -29.53
N LYS C 19 5.69 -9.30 -28.84
CA LYS C 19 5.09 -9.35 -27.51
C LYS C 19 3.67 -9.90 -27.59
N SER C 20 2.93 -9.49 -28.62
CA SER C 20 1.59 -9.99 -28.83
C SER C 20 1.59 -11.50 -29.10
N ASP C 21 2.50 -11.98 -29.94
CA ASP C 21 2.62 -13.40 -30.24
C ASP C 21 2.92 -14.20 -28.98
N LEU C 22 3.83 -13.71 -28.12
CA LEU C 22 4.25 -14.48 -26.97
C LEU C 22 3.17 -14.45 -25.90
N PHE C 23 2.57 -13.28 -25.65
CA PHE C 23 1.75 -13.08 -24.47
C PHE C 23 0.27 -13.27 -24.77
N ASN C 24 -0.23 -12.55 -25.78
CA ASN C 24 -1.67 -12.52 -26.05
C ASN C 24 -2.12 -13.79 -26.79
N ARG C 25 -1.18 -14.49 -27.42
CA ARG C 25 -1.53 -15.61 -28.30
C ARG C 25 -0.90 -16.91 -27.79
N SER C 26 -0.78 -17.08 -26.47
CA SER C 26 -0.35 -18.37 -25.93
C SER C 26 -0.95 -18.66 -24.56
N TYR C 29 1.97 -20.26 -19.43
CA TYR C 29 2.83 -21.14 -18.60
C TYR C 29 2.26 -21.17 -17.19
N PRO C 30 1.84 -22.33 -16.67
CA PRO C 30 1.22 -22.39 -15.34
C PRO C 30 2.22 -22.49 -14.19
N GLY C 31 3.50 -22.29 -14.50
CA GLY C 31 4.55 -22.56 -13.51
C GLY C 31 5.12 -23.96 -13.67
N PRO C 32 6.23 -24.28 -12.98
CA PRO C 32 6.84 -25.60 -13.10
C PRO C 32 6.03 -26.69 -12.39
N THR C 33 6.23 -27.93 -12.84
CA THR C 33 5.61 -29.11 -12.29
C THR C 33 6.66 -30.21 -12.23
N LYS C 34 6.30 -31.32 -11.59
CA LYS C 34 7.13 -32.50 -11.49
C LYS C 34 7.49 -33.03 -12.88
N ASP C 35 6.60 -32.87 -13.85
CA ASP C 35 6.80 -33.32 -15.21
C ASP C 35 7.56 -32.27 -16.04
N ASP C 36 7.52 -31.00 -15.62
CA ASP C 36 8.10 -29.90 -16.36
C ASP C 36 8.89 -29.01 -15.39
N PRO C 37 9.99 -29.51 -14.79
CA PRO C 37 10.71 -28.76 -13.76
C PRO C 37 11.57 -27.64 -14.33
N LEU C 38 12.04 -26.76 -13.45
CA LEU C 38 12.72 -25.56 -13.87
C LEU C 38 13.94 -25.32 -12.98
N THR C 39 15.05 -24.87 -13.56
CA THR C 39 16.21 -24.47 -12.79
C THR C 39 16.30 -22.95 -12.78
N VAL C 40 16.39 -22.38 -11.58
CA VAL C 40 16.58 -20.96 -11.39
C VAL C 40 17.98 -20.72 -10.86
N THR C 41 18.73 -19.85 -11.55
CA THR C 41 20.05 -19.42 -11.11
C THR C 41 19.90 -18.14 -10.30
N LEU C 42 20.53 -18.12 -9.13
CA LEU C 42 20.53 -16.98 -8.23
C LEU C 42 21.96 -16.47 -8.05
N GLY C 43 22.09 -15.13 -8.05
CA GLY C 43 23.32 -14.50 -7.58
C GLY C 43 23.02 -13.21 -6.84
N PHE C 44 23.82 -12.94 -5.80
CA PHE C 44 23.62 -11.76 -4.97
C PHE C 44 24.75 -10.77 -5.20
N THR C 45 24.35 -9.49 -5.22
CA THR C 45 25.26 -8.37 -5.19
C THR C 45 24.92 -7.55 -3.94
N LEU C 46 25.82 -7.57 -2.95
CA LEU C 46 25.57 -6.90 -1.69
C LEU C 46 26.04 -5.44 -1.77
N GLN C 47 25.12 -4.50 -1.51
CA GLN C 47 25.43 -3.08 -1.62
C GLN C 47 25.71 -2.44 -0.26
N ASP C 48 25.01 -2.85 0.79
CA ASP C 48 25.17 -2.20 2.08
C ASP C 48 24.54 -3.01 3.19
N ILE C 49 25.26 -3.12 4.31
CA ILE C 49 24.66 -3.43 5.59
C ILE C 49 24.31 -2.10 6.23
N VAL C 50 23.03 -1.80 6.27
CA VAL C 50 22.56 -0.48 6.67
C VAL C 50 22.56 -0.39 8.19
N LYS C 51 22.14 -1.46 8.86
CA LYS C 51 21.87 -1.43 10.29
C LYS C 51 22.00 -2.84 10.87
N ALA C 52 22.56 -2.93 12.09
CA ALA C 52 22.61 -4.17 12.84
C ALA C 52 22.11 -3.90 14.25
N ASP C 53 20.90 -4.39 14.56
CA ASP C 53 20.21 -4.07 15.80
C ASP C 53 20.42 -5.19 16.81
N SER C 54 21.22 -4.92 17.84
CA SER C 54 21.50 -5.93 18.85
C SER C 54 20.41 -5.96 19.92
N SER C 55 19.43 -5.06 19.86
CA SER C 55 18.33 -5.15 20.82
C SER C 55 17.26 -6.13 20.32
N THR C 56 17.23 -6.43 19.02
CA THR C 56 16.24 -7.37 18.48
C THR C 56 16.87 -8.51 17.66
N ASN C 57 18.19 -8.46 17.44
CA ASN C 57 18.90 -9.41 16.60
C ASN C 57 18.26 -9.45 15.21
N GLU C 58 18.19 -8.26 14.60
CA GLU C 58 17.80 -8.08 13.21
C GLU C 58 18.90 -7.30 12.51
N VAL C 59 19.25 -7.71 11.29
CA VAL C 59 20.15 -6.93 10.46
C VAL C 59 19.42 -6.57 9.16
N ASP C 60 19.72 -5.36 8.64
CA ASP C 60 19.12 -4.85 7.42
C ASP C 60 20.18 -4.78 6.32
N LEU C 61 19.94 -5.48 5.20
CA LEU C 61 20.81 -5.50 4.03
C LEU C 61 20.11 -4.81 2.87
N VAL C 62 20.91 -4.16 2.02
CA VAL C 62 20.49 -3.72 0.70
C VAL C 62 21.33 -4.49 -0.32
N TYR C 63 20.65 -5.14 -1.27
CA TYR C 63 21.33 -5.98 -2.25
C TYR C 63 20.43 -6.05 -3.48
N TYR C 64 20.99 -6.57 -4.57
CA TYR C 64 20.14 -6.99 -5.65
C TYR C 64 20.42 -8.45 -5.95
N GLU C 65 19.35 -9.11 -6.36
CA GLU C 65 19.29 -10.54 -6.53
C GLU C 65 19.05 -10.80 -8.01
N GLN C 66 20.04 -11.36 -8.68
CA GLN C 66 19.87 -11.77 -10.05
C GLN C 66 19.19 -13.12 -10.08
N GLN C 67 18.06 -13.19 -10.79
CA GLN C 67 17.33 -14.41 -11.04
C GLN C 67 17.31 -14.70 -12.53
N ARG C 68 17.65 -15.93 -12.92
CA ARG C 68 17.65 -16.34 -14.31
CA ARG C 68 17.66 -16.34 -14.31
C ARG C 68 16.99 -17.70 -14.45
N TRP C 69 16.16 -17.83 -15.48
CA TRP C 69 15.57 -19.10 -15.83
C TRP C 69 15.25 -19.07 -17.32
N LYS C 70 14.77 -20.19 -17.87
CA LYS C 70 14.58 -20.33 -19.29
C LYS C 70 13.31 -21.12 -19.59
N LEU C 71 12.45 -20.57 -20.47
CA LEU C 71 11.21 -21.23 -20.87
C LEU C 71 11.18 -21.41 -22.39
N ASN C 72 10.76 -22.61 -22.82
CA ASN C 72 10.54 -22.90 -24.23
C ASN C 72 9.49 -21.95 -24.80
N SER C 73 8.46 -21.66 -24.02
CA SER C 73 7.36 -20.83 -24.48
C SER C 73 7.77 -19.37 -24.69
N LEU C 74 8.98 -18.96 -24.29
CA LEU C 74 9.42 -17.58 -24.52
C LEU C 74 10.46 -17.49 -25.66
N MET C 75 10.66 -18.59 -26.39
CA MET C 75 11.63 -18.63 -27.47
C MET C 75 11.05 -17.99 -28.74
N TRP C 76 11.90 -17.34 -29.54
CA TRP C 76 11.52 -16.95 -30.89
C TRP C 76 12.75 -16.94 -31.79
N ASP C 77 12.51 -16.88 -33.11
CA ASP C 77 13.55 -16.74 -34.10
C ASP C 77 13.71 -15.26 -34.43
N PRO C 78 14.87 -14.63 -34.12
CA PRO C 78 15.07 -13.21 -34.44
C PRO C 78 14.82 -12.82 -35.91
N ASN C 79 15.04 -13.75 -36.83
CA ASN C 79 14.89 -13.47 -38.26
C ASN C 79 13.43 -13.25 -38.61
N GLU C 80 12.50 -13.77 -37.80
CA GLU C 80 11.08 -13.57 -38.03
C GLU C 80 10.59 -12.26 -37.41
N TYR C 81 11.46 -11.54 -36.68
CA TYR C 81 11.05 -10.32 -36.01
C TYR C 81 12.10 -9.22 -36.12
N GLY C 82 12.65 -9.03 -37.32
CA GLY C 82 13.51 -7.90 -37.61
C GLY C 82 14.81 -7.91 -36.81
N ASN C 83 15.30 -9.11 -36.49
CA ASN C 83 16.54 -9.30 -35.75
C ASN C 83 16.43 -8.80 -34.30
N ILE C 84 15.23 -8.75 -33.73
CA ILE C 84 15.09 -8.51 -32.29
C ILE C 84 15.63 -9.75 -31.55
N THR C 85 16.62 -9.55 -30.68
CA THR C 85 17.24 -10.66 -29.95
C THR C 85 16.85 -10.64 -28.47
N ASP C 86 16.29 -9.52 -27.98
CA ASP C 86 15.75 -9.47 -26.63
C ASP C 86 14.82 -8.28 -26.47
N PHE C 87 14.09 -8.24 -25.34
CA PHE C 87 13.22 -7.11 -25.04
C PHE C 87 12.99 -7.03 -23.53
N ARG C 88 12.59 -5.83 -23.09
CA ARG C 88 12.24 -5.56 -21.71
C ARG C 88 10.73 -5.67 -21.57
N THR C 89 10.28 -6.20 -20.43
CA THR C 89 8.86 -6.33 -20.20
C THR C 89 8.58 -6.27 -18.71
N SER C 90 7.41 -5.75 -18.37
CA SER C 90 6.89 -5.77 -17.01
C SER C 90 6.93 -7.20 -16.47
N ALA C 91 7.43 -7.37 -15.25
CA ALA C 91 7.47 -8.67 -14.59
C ALA C 91 6.07 -9.23 -14.36
N ALA C 92 5.04 -8.38 -14.42
CA ALA C 92 3.66 -8.82 -14.31
C ALA C 92 3.19 -9.55 -15.58
N ASP C 93 3.87 -9.37 -16.71
CA ASP C 93 3.48 -10.00 -17.98
C ASP C 93 3.97 -11.44 -18.06
N ILE C 94 4.87 -11.85 -17.16
CA ILE C 94 5.45 -13.17 -17.24
C ILE C 94 5.33 -13.85 -15.89
N TRP C 95 5.50 -15.17 -15.88
CA TRP C 95 5.68 -15.90 -14.65
C TRP C 95 7.04 -15.53 -14.05
N THR C 96 7.09 -15.37 -12.72
CA THR C 96 8.36 -15.19 -12.03
C THR C 96 8.42 -16.14 -10.83
N PRO C 97 9.61 -16.63 -10.43
CA PRO C 97 9.71 -17.56 -9.31
C PRO C 97 9.48 -16.88 -7.95
N ASP C 98 8.94 -17.65 -7.00
CA ASP C 98 8.55 -17.15 -5.68
C ASP C 98 9.72 -17.30 -4.69
N ILE C 99 10.89 -16.78 -5.07
CA ILE C 99 12.07 -16.92 -4.24
C ILE C 99 11.91 -16.03 -3.00
N THR C 100 12.08 -16.64 -1.83
CA THR C 100 11.74 -16.05 -0.56
C THR C 100 12.91 -16.27 0.40
N ALA C 101 13.20 -15.24 1.20
CA ALA C 101 14.11 -15.40 2.33
C ALA C 101 13.39 -16.19 3.41
N TYR C 102 14.10 -17.14 4.05
CA TYR C 102 13.45 -18.05 4.99
C TYR C 102 13.41 -17.46 6.40
N SER C 103 14.16 -16.39 6.66
CA SER C 103 14.25 -15.86 8.00
C SER C 103 14.17 -14.33 8.02
N SER C 104 13.37 -13.75 7.13
CA SER C 104 13.03 -12.32 7.20
C SER C 104 12.19 -12.04 8.43
N THR C 105 12.26 -10.79 8.92
CA THR C 105 11.45 -10.35 10.04
C THR C 105 10.51 -9.20 9.64
N ARG C 106 10.58 -8.76 8.38
CA ARG C 106 9.71 -7.70 7.84
C ARG C 106 9.49 -7.99 6.36
N PRO C 107 8.40 -7.53 5.71
CA PRO C 107 8.25 -7.69 4.28
C PRO C 107 9.42 -7.00 3.56
N VAL C 108 9.92 -7.66 2.51
CA VAL C 108 10.99 -7.12 1.71
C VAL C 108 10.52 -5.80 1.09
N GLN C 109 11.40 -4.79 1.08
CA GLN C 109 11.10 -3.54 0.39
C GLN C 109 11.79 -3.56 -0.97
N VAL C 110 11.01 -3.31 -2.01
CA VAL C 110 11.48 -3.38 -3.40
C VAL C 110 12.00 -2.01 -3.80
N LEU C 111 13.24 -1.97 -4.29
CA LEU C 111 13.92 -0.70 -4.54
C LEU C 111 14.08 -0.44 -6.04
N SER C 112 13.71 -1.39 -6.89
CA SER C 112 13.91 -1.27 -8.32
C SER C 112 12.60 -1.53 -9.05
N PRO C 113 12.45 -1.03 -10.30
CA PRO C 113 11.27 -1.31 -11.12
C PRO C 113 11.16 -2.81 -11.45
N GLN C 114 9.91 -3.28 -11.53
CA GLN C 114 9.62 -4.69 -11.69
C GLN C 114 9.57 -5.00 -13.19
N ILE C 115 10.76 -5.03 -13.81
CA ILE C 115 10.90 -5.19 -15.25
C ILE C 115 11.98 -6.25 -15.46
N ALA C 116 11.77 -7.15 -16.43
CA ALA C 116 12.68 -8.23 -16.74
C ALA C 116 13.12 -8.10 -18.20
N VAL C 117 14.23 -8.79 -18.53
CA VAL C 117 14.75 -8.88 -19.88
C VAL C 117 14.57 -10.31 -20.37
N VAL C 118 13.94 -10.46 -21.54
CA VAL C 118 13.71 -11.75 -22.16
C VAL C 118 14.57 -11.82 -23.42
N THR C 119 15.26 -12.94 -23.59
CA THR C 119 16.13 -13.18 -24.73
C THR C 119 15.52 -14.27 -25.61
N HIS C 120 15.90 -14.27 -26.90
CA HIS C 120 15.27 -15.08 -27.93
C HIS C 120 15.38 -16.59 -27.69
N ASP C 121 16.36 -17.02 -26.89
CA ASP C 121 16.49 -18.42 -26.52
C ASP C 121 15.52 -18.78 -25.40
N GLY C 122 14.71 -17.84 -24.93
CA GLY C 122 13.72 -18.13 -23.90
C GLY C 122 14.23 -17.81 -22.48
N SER C 123 15.46 -17.32 -22.37
CA SER C 123 16.01 -17.01 -21.06
C SER C 123 15.45 -15.69 -20.57
N VAL C 124 15.20 -15.64 -19.26
CA VAL C 124 14.70 -14.46 -18.59
C VAL C 124 15.73 -14.06 -17.55
N MET C 125 15.99 -12.76 -17.46
CA MET C 125 16.77 -12.23 -16.36
C MET C 125 15.98 -11.14 -15.65
N PHE C 126 15.93 -11.27 -14.33
CA PHE C 126 15.17 -10.37 -13.45
C PHE C 126 16.06 -10.06 -12.26
N ILE C 127 16.26 -8.76 -11.98
CA ILE C 127 17.23 -8.34 -10.99
C ILE C 127 16.56 -7.38 -10.01
N PRO C 128 15.69 -7.86 -9.10
CA PRO C 128 15.12 -7.01 -8.06
C PRO C 128 16.15 -6.55 -7.02
N ALA C 129 16.18 -5.24 -6.80
CA ALA C 129 16.90 -4.66 -5.68
C ALA C 129 15.98 -4.63 -4.47
N GLN C 130 16.54 -4.94 -3.29
CA GLN C 130 15.75 -5.19 -2.10
C GLN C 130 16.43 -4.65 -0.86
N ARG C 131 15.62 -4.21 0.10
CA ARG C 131 16.04 -4.08 1.49
C ARG C 131 15.35 -5.16 2.31
N LEU C 132 16.18 -5.96 3.00
CA LEU C 132 15.74 -7.09 3.79
C LEU C 132 16.16 -6.92 5.25
N SER C 133 15.20 -7.06 6.17
CA SER C 133 15.50 -7.29 7.59
C SER C 133 15.42 -8.79 7.85
N PHE C 134 16.47 -9.36 8.47
CA PHE C 134 16.48 -10.78 8.75
C PHE C 134 17.13 -11.06 10.10
N MET C 135 16.92 -12.30 10.57
CA MET C 135 17.33 -12.75 11.88
C MET C 135 18.85 -12.91 11.90
N CYS C 136 19.51 -12.17 12.80
CA CYS C 136 20.95 -12.07 12.83
C CYS C 136 21.39 -11.48 14.17
N ASP C 137 22.24 -12.24 14.87
CA ASP C 137 22.87 -11.79 16.10
C ASP C 137 24.18 -11.10 15.73
N PRO C 138 24.31 -9.77 15.90
CA PRO C 138 25.53 -9.06 15.55
C PRO C 138 26.66 -9.07 16.58
N THR C 139 26.58 -9.99 17.57
CA THR C 139 27.62 -10.12 18.57
C THR C 139 28.97 -10.35 17.90
N GLY C 140 29.98 -9.57 18.32
CA GLY C 140 31.31 -9.68 17.78
C GLY C 140 31.58 -8.70 16.65
N VAL C 141 30.59 -7.88 16.27
CA VAL C 141 30.72 -6.99 15.14
C VAL C 141 31.77 -5.91 15.46
N ASP C 142 31.90 -5.57 16.74
CA ASP C 142 32.90 -4.62 17.21
C ASP C 142 34.19 -5.36 17.58
N SER C 143 34.51 -6.45 16.90
CA SER C 143 35.74 -7.19 17.13
C SER C 143 36.41 -7.47 15.79
N GLU C 144 37.67 -7.91 15.85
CA GLU C 144 38.47 -8.13 14.67
C GLU C 144 37.87 -9.25 13.83
N GLU C 145 37.34 -10.30 14.49
CA GLU C 145 36.77 -11.43 13.81
C GLU C 145 35.36 -11.14 13.30
N GLY C 146 34.70 -10.11 13.86
CA GLY C 146 33.42 -9.66 13.34
C GLY C 146 32.28 -10.63 13.71
N ALA C 147 31.10 -10.40 13.13
CA ALA C 147 29.94 -11.24 13.31
C ALA C 147 29.68 -12.03 12.03
N THR C 148 28.97 -13.13 12.17
CA THR C 148 28.57 -13.95 11.03
C THR C 148 27.06 -14.12 11.06
N CYS C 149 26.42 -13.84 9.93
CA CYS C 149 25.01 -14.14 9.81
C CYS C 149 24.72 -14.86 8.49
N ALA C 150 23.58 -15.55 8.46
CA ALA C 150 23.21 -16.40 7.35
C ALA C 150 21.71 -16.27 7.08
N VAL C 151 21.35 -16.30 5.80
CA VAL C 151 19.94 -16.36 5.45
C VAL C 151 19.78 -17.23 4.20
N LYS C 152 18.79 -18.11 4.23
CA LYS C 152 18.52 -19.00 3.12
C LYS C 152 17.44 -18.40 2.23
N PHE C 153 17.62 -18.57 0.92
CA PHE C 153 16.63 -18.20 -0.08
C PHE C 153 16.19 -19.42 -0.86
N GLY C 154 14.88 -19.53 -1.08
CA GLY C 154 14.36 -20.57 -1.96
C GLY C 154 12.86 -20.37 -2.23
N SER C 155 12.28 -21.28 -3.01
CA SER C 155 10.87 -21.24 -3.30
C SER C 155 10.10 -21.45 -1.99
N TRP C 156 8.97 -20.76 -1.86
CA TRP C 156 8.13 -20.98 -0.69
C TRP C 156 7.21 -22.17 -0.91
N VAL C 157 6.83 -22.46 -2.16
CA VAL C 157 5.78 -23.44 -2.40
C VAL C 157 6.24 -24.59 -3.29
N TYR C 158 7.41 -24.53 -3.92
CA TYR C 158 7.84 -25.61 -4.81
C TYR C 158 9.00 -26.38 -4.17
N SER C 159 8.92 -27.72 -4.18
CA SER C 159 10.02 -28.58 -3.78
C SER C 159 11.05 -28.67 -4.91
N GLY C 160 12.13 -29.40 -4.62
CA GLY C 160 13.21 -29.67 -5.56
C GLY C 160 12.77 -30.48 -6.77
N PHE C 161 11.58 -31.11 -6.72
CA PHE C 161 11.03 -31.81 -7.87
C PHE C 161 10.47 -30.85 -8.93
N GLU C 162 10.22 -29.59 -8.55
CA GLU C 162 9.63 -28.62 -9.46
C GLU C 162 10.61 -27.49 -9.75
N ILE C 163 11.30 -26.98 -8.73
CA ILE C 163 12.30 -25.93 -8.91
C ILE C 163 13.63 -26.39 -8.33
N ASP C 164 14.68 -26.46 -9.15
CA ASP C 164 16.05 -26.57 -8.69
C ASP C 164 16.68 -25.18 -8.72
N LEU C 165 17.60 -24.90 -7.79
CA LEU C 165 18.35 -23.66 -7.75
C LEU C 165 19.78 -23.96 -8.09
N LYS C 166 20.49 -23.00 -8.68
CA LYS C 166 21.94 -23.04 -8.70
C LYS C 166 22.51 -21.61 -8.57
N THR C 167 23.83 -21.56 -8.37
CA THR C 167 24.60 -20.32 -8.44
C THR C 167 25.64 -20.45 -9.56
N ASP C 168 26.04 -19.35 -10.18
CA ASP C 168 27.13 -19.37 -11.16
C ASP C 168 28.48 -19.32 -10.44
N THR C 169 28.48 -18.79 -9.22
CA THR C 169 29.69 -18.74 -8.39
C THR C 169 29.25 -18.78 -6.94
N ASP C 170 30.13 -19.23 -6.04
CA ASP C 170 29.81 -19.22 -4.62
C ASP C 170 30.28 -17.92 -3.98
N GLN C 171 30.97 -17.05 -4.75
CA GLN C 171 31.36 -15.75 -4.24
C GLN C 171 30.25 -14.73 -4.50
N VAL C 172 29.78 -14.10 -3.43
CA VAL C 172 28.87 -12.98 -3.54
C VAL C 172 29.61 -11.80 -4.17
N ASP C 173 28.95 -11.07 -5.06
CA ASP C 173 29.57 -9.93 -5.72
C ASP C 173 29.63 -8.77 -4.75
N LEU C 174 30.85 -8.35 -4.39
CA LEU C 174 31.11 -7.27 -3.44
C LEU C 174 31.65 -6.02 -4.14
N SER C 175 31.69 -6.02 -5.48
CA SER C 175 32.32 -4.92 -6.21
C SER C 175 31.48 -3.64 -6.17
N SER C 176 30.22 -3.72 -5.73
CA SER C 176 29.36 -2.54 -5.57
C SER C 176 29.12 -2.21 -4.09
N TYR C 177 29.89 -2.79 -3.17
CA TYR C 177 29.61 -2.61 -1.76
C TYR C 177 29.96 -1.17 -1.38
N TYR C 178 29.07 -0.50 -0.62
CA TYR C 178 29.25 0.90 -0.28
C TYR C 178 30.52 1.06 0.56
N ALA C 179 31.47 1.83 0.03
CA ALA C 179 32.78 2.01 0.64
C ALA C 179 32.70 2.75 1.98
N SER C 180 31.67 3.59 2.22
CA SER C 180 31.57 4.29 3.49
C SER C 180 30.45 3.73 4.36
N SER C 181 30.07 2.48 4.15
CA SER C 181 29.15 1.77 5.05
C SER C 181 29.69 1.82 6.48
N LYS C 182 28.77 1.71 7.45
CA LYS C 182 29.18 1.56 8.84
C LYS C 182 29.85 0.19 9.04
N TYR C 183 29.62 -0.78 8.14
CA TYR C 183 30.17 -2.12 8.29
C TYR C 183 31.00 -2.47 7.06
N GLU C 184 32.14 -3.15 7.30
CA GLU C 184 32.90 -3.73 6.22
C GLU C 184 32.66 -5.24 6.17
N ILE C 185 32.75 -5.80 4.97
CA ILE C 185 32.51 -7.21 4.72
C ILE C 185 33.83 -7.95 4.75
N LEU C 186 33.93 -8.98 5.58
CA LEU C 186 35.11 -9.83 5.66
C LEU C 186 34.98 -10.99 4.69
N SER C 187 33.76 -11.51 4.52
CA SER C 187 33.50 -12.50 3.49
C SER C 187 32.01 -12.63 3.25
N ALA C 188 31.66 -13.09 2.04
CA ALA C 188 30.28 -13.29 1.67
C ALA C 188 30.19 -14.40 0.63
N THR C 189 29.45 -15.47 0.96
CA THR C 189 29.32 -16.62 0.08
C THR C 189 27.84 -16.95 -0.13
N GLN C 190 27.58 -17.63 -1.25
CA GLN C 190 26.26 -18.06 -1.67
C GLN C 190 26.37 -19.50 -2.15
N THR C 191 25.73 -20.42 -1.40
CA THR C 191 25.94 -21.84 -1.60
C THR C 191 24.59 -22.56 -1.72
N ARG C 192 24.44 -23.34 -2.79
CA ARG C 192 23.29 -24.22 -2.96
C ARG C 192 23.29 -25.28 -1.86
N GLN C 193 22.10 -25.54 -1.25
CA GLN C 193 21.93 -26.61 -0.29
C GLN C 193 20.70 -27.44 -0.64
N VAL C 194 20.80 -28.76 -0.44
CA VAL C 194 19.67 -29.67 -0.52
C VAL C 194 19.28 -30.04 0.90
N GLN C 195 18.01 -29.83 1.25
CA GLN C 195 17.51 -30.07 2.59
C GLN C 195 16.42 -31.15 2.55
N HIS C 196 16.41 -32.03 3.55
CA HIS C 196 15.28 -32.90 3.81
C HIS C 196 14.64 -32.50 5.14
N TYR C 197 13.31 -32.38 5.16
CA TYR C 197 12.58 -32.02 6.36
C TYR C 197 11.67 -33.18 6.76
N SER C 198 11.42 -33.30 8.08
CA SER C 198 10.63 -34.38 8.66
C SER C 198 9.20 -34.44 8.11
N CYS C 199 8.63 -33.29 7.76
CA CYS C 199 7.26 -33.23 7.28
C CYS C 199 7.10 -33.99 5.97
N CYS C 200 8.17 -34.07 5.17
CA CYS C 200 8.04 -34.14 3.72
C CYS C 200 9.05 -35.13 3.14
N PRO C 201 8.65 -36.02 2.19
CA PRO C 201 9.62 -36.89 1.52
C PRO C 201 10.47 -36.20 0.44
N GLU C 202 9.95 -35.16 -0.20
CA GLU C 202 10.62 -34.50 -1.31
C GLU C 202 11.79 -33.65 -0.79
N PRO C 203 12.89 -33.52 -1.55
CA PRO C 203 13.97 -32.59 -1.20
C PRO C 203 13.58 -31.13 -1.46
N TYR C 204 14.17 -30.22 -0.68
CA TYR C 204 14.00 -28.79 -0.83
C TYR C 204 15.35 -28.15 -1.09
N ILE C 205 15.39 -27.16 -1.99
CA ILE C 205 16.63 -26.52 -2.38
C ILE C 205 16.61 -25.08 -1.89
N ASP C 206 17.75 -24.60 -1.39
CA ASP C 206 17.91 -23.20 -1.06
C ASP C 206 19.32 -22.76 -1.46
N VAL C 207 19.51 -21.44 -1.53
CA VAL C 207 20.83 -20.83 -1.57
C VAL C 207 21.05 -20.10 -0.26
N ASN C 208 22.15 -20.47 0.41
CA ASN C 208 22.49 -19.95 1.73
C ASN C 208 23.50 -18.81 1.55
N LEU C 209 23.05 -17.61 1.92
CA LEU C 209 23.88 -16.41 1.90
C LEU C 209 24.52 -16.26 3.29
N VAL C 210 25.85 -16.32 3.36
CA VAL C 210 26.58 -16.23 4.62
C VAL C 210 27.50 -15.00 4.53
N VAL C 211 27.33 -14.06 5.46
CA VAL C 211 28.07 -12.82 5.46
C VAL C 211 28.77 -12.67 6.81
N LYS C 212 30.09 -12.44 6.77
CA LYS C 212 30.88 -12.08 7.93
C LYS C 212 31.26 -10.61 7.81
N PHE C 213 31.00 -9.84 8.87
CA PHE C 213 31.13 -8.39 8.80
C PHE C 213 31.54 -7.84 10.16
N ARG C 214 32.11 -6.64 10.15
CA ARG C 214 32.46 -5.94 11.38
C ARG C 214 32.37 -4.43 11.15
N GLU C 215 32.35 -3.68 12.26
CA GLU C 215 32.30 -2.24 12.21
C GLU C 215 33.56 -1.72 11.51
N ARG C 216 33.35 -0.79 10.56
CA ARG C 216 34.44 -0.15 9.84
C ARG C 216 35.22 0.72 10.84
N ARG C 217 36.51 0.45 11.02
CA ARG C 217 37.29 1.07 12.08
C ARG C 217 38.65 1.51 11.52
N ASP D 1 14.17 -35.71 -26.12
CA ASP D 1 13.33 -36.49 -27.07
C ASP D 1 12.12 -35.65 -27.49
N TYR D 2 11.63 -35.83 -28.73
CA TYR D 2 10.43 -35.12 -29.16
C TYR D 2 9.22 -35.54 -28.33
N LYS D 3 9.09 -36.85 -28.04
CA LYS D 3 8.04 -37.36 -27.17
C LYS D 3 8.08 -36.70 -25.79
N ASP D 4 9.28 -36.47 -25.26
CA ASP D 4 9.49 -35.79 -23.99
C ASP D 4 8.97 -34.36 -24.05
N ASP D 5 9.26 -33.63 -25.14
CA ASP D 5 8.79 -32.26 -25.33
C ASP D 5 7.25 -32.23 -25.41
N ASP D 6 6.70 -33.25 -26.10
CA ASP D 6 5.26 -33.35 -26.31
C ASP D 6 4.55 -33.60 -24.99
N ASP D 7 5.12 -34.46 -24.14
CA ASP D 7 4.56 -34.77 -22.84
C ASP D 7 4.48 -33.50 -21.98
N LYS D 8 5.53 -32.67 -22.03
CA LYS D 8 5.60 -31.43 -21.29
C LYS D 8 4.55 -30.44 -21.76
N LEU D 9 4.36 -30.34 -23.09
CA LEU D 9 3.33 -29.48 -23.65
C LEU D 9 1.94 -29.95 -23.20
N HIS D 10 1.76 -31.28 -23.18
CA HIS D 10 0.48 -31.87 -22.81
C HIS D 10 0.21 -31.68 -21.32
N SER D 11 1.24 -31.83 -20.48
CA SER D 11 1.08 -31.63 -19.03
C SER D 11 0.68 -30.18 -18.76
N GLN D 12 1.28 -29.22 -19.47
CA GLN D 12 0.91 -27.81 -19.35
C GLN D 12 -0.54 -27.57 -19.79
N ALA D 13 -0.91 -28.18 -20.92
CA ALA D 13 -2.25 -28.01 -21.47
C ALA D 13 -3.30 -28.60 -20.53
N ASN D 14 -2.97 -29.77 -19.94
CA ASN D 14 -3.86 -30.45 -19.01
C ASN D 14 -4.08 -29.58 -17.76
N LEU D 15 -3.01 -28.96 -17.26
CA LEU D 15 -3.09 -28.15 -16.05
C LEU D 15 -3.90 -26.90 -16.33
N MET D 16 -3.65 -26.24 -17.46
CA MET D 16 -4.42 -25.06 -17.85
C MET D 16 -5.89 -25.43 -17.99
N ARG D 17 -6.17 -26.62 -18.53
CA ARG D 17 -7.55 -27.08 -18.71
C ARG D 17 -8.19 -27.36 -17.35
N LEU D 18 -7.43 -27.99 -16.44
CA LEU D 18 -7.93 -28.29 -15.11
C LEU D 18 -8.28 -27.01 -14.36
N LYS D 19 -7.38 -26.02 -14.40
CA LYS D 19 -7.61 -24.78 -13.68
C LYS D 19 -8.82 -24.05 -14.27
N SER D 20 -8.95 -24.09 -15.59
CA SER D 20 -10.08 -23.47 -16.27
C SER D 20 -11.39 -24.16 -15.86
N ASP D 21 -11.41 -25.50 -15.83
CA ASP D 21 -12.59 -26.26 -15.41
C ASP D 21 -12.99 -25.92 -13.98
N LEU D 22 -12.02 -25.82 -13.07
CA LEU D 22 -12.33 -25.60 -11.66
C LEU D 22 -12.76 -24.15 -11.43
N PHE D 23 -12.05 -23.19 -12.03
CA PHE D 23 -12.17 -21.79 -11.63
C PHE D 23 -13.13 -21.04 -12.56
N ASN D 24 -12.90 -21.12 -13.87
CA ASN D 24 -13.64 -20.31 -14.83
C ASN D 24 -15.02 -20.91 -15.09
N ARG D 25 -15.20 -22.21 -14.79
CA ARG D 25 -16.41 -22.92 -15.18
C ARG D 25 -17.13 -23.45 -13.94
N SER D 26 -17.05 -22.73 -12.82
CA SER D 26 -17.81 -23.10 -11.62
C SER D 26 -18.01 -21.88 -10.73
N PRO D 27 -19.25 -21.58 -10.28
CA PRO D 27 -19.49 -20.53 -9.30
C PRO D 27 -18.57 -20.71 -8.09
N MET D 28 -17.97 -19.61 -7.62
CA MET D 28 -16.91 -19.67 -6.63
C MET D 28 -17.52 -19.95 -5.25
N TYR D 29 -16.78 -20.70 -4.42
CA TYR D 29 -17.28 -21.25 -3.18
C TYR D 29 -17.74 -20.09 -2.29
N PRO D 30 -19.00 -20.06 -1.85
CA PRO D 30 -19.53 -18.94 -1.08
C PRO D 30 -19.21 -19.01 0.41
N GLY D 31 -18.36 -19.96 0.81
CA GLY D 31 -18.06 -20.19 2.20
C GLY D 31 -18.96 -21.27 2.81
N PRO D 32 -18.64 -21.73 4.04
CA PRO D 32 -19.39 -22.79 4.70
C PRO D 32 -20.74 -22.33 5.20
N THR D 33 -21.62 -23.29 5.46
CA THR D 33 -22.92 -23.03 6.05
C THR D 33 -23.16 -23.98 7.22
N LYS D 34 -24.24 -23.71 7.96
CA LYS D 34 -24.64 -24.53 9.09
C LYS D 34 -24.89 -25.97 8.63
N ASP D 35 -25.41 -26.14 7.39
CA ASP D 35 -25.67 -27.48 6.87
C ASP D 35 -24.45 -28.09 6.22
N ASP D 36 -23.47 -27.28 5.84
CA ASP D 36 -22.28 -27.74 5.15
C ASP D 36 -21.06 -27.09 5.76
N PRO D 37 -20.71 -27.46 7.03
CA PRO D 37 -19.62 -26.80 7.74
C PRO D 37 -18.25 -27.24 7.25
N LEU D 38 -17.23 -26.52 7.69
CA LEU D 38 -15.89 -26.76 7.18
C LEU D 38 -14.93 -26.83 8.36
N THR D 39 -14.02 -27.80 8.32
CA THR D 39 -13.00 -27.92 9.34
C THR D 39 -11.68 -27.44 8.76
N VAL D 40 -11.05 -26.49 9.46
CA VAL D 40 -9.74 -25.99 9.11
C VAL D 40 -8.77 -26.49 10.17
N THR D 41 -7.72 -27.15 9.72
CA THR D 41 -6.63 -27.58 10.58
C THR D 41 -5.54 -26.50 10.59
N LEU D 42 -5.13 -26.10 11.79
CA LEU D 42 -4.11 -25.10 12.00
C LEU D 42 -2.93 -25.74 12.73
N GLY D 43 -1.72 -25.36 12.28
CA GLY D 43 -0.52 -25.59 13.07
C GLY D 43 0.42 -24.39 12.94
N PHE D 44 1.10 -24.07 14.04
CA PHE D 44 2.05 -22.98 14.07
C PHE D 44 3.48 -23.51 14.13
N THR D 45 4.36 -22.82 13.39
CA THR D 45 5.81 -22.99 13.47
C THR D 45 6.39 -21.65 13.88
N LEU D 46 6.92 -21.57 15.10
CA LEU D 46 7.43 -20.32 15.64
C LEU D 46 8.91 -20.19 15.27
N GLN D 47 9.24 -19.09 14.57
CA GLN D 47 10.60 -18.86 14.11
C GLN D 47 11.36 -17.91 15.02
N ASP D 48 10.70 -16.88 15.56
CA ASP D 48 11.41 -15.88 16.33
C ASP D 48 10.46 -15.00 17.13
N ILE D 49 10.82 -14.75 18.39
CA ILE D 49 10.33 -13.58 19.11
C ILE D 49 11.31 -12.47 18.87
N VAL D 50 10.89 -11.48 18.07
CA VAL D 50 11.77 -10.44 17.61
C VAL D 50 11.94 -9.38 18.69
N LYS D 51 10.86 -9.05 19.38
CA LYS D 51 10.82 -7.85 20.21
C LYS D 51 9.74 -8.02 21.28
N ALA D 52 10.06 -7.59 22.50
CA ALA D 52 9.11 -7.54 23.60
C ALA D 52 9.17 -6.14 24.21
N ASP D 53 8.12 -5.34 23.97
CA ASP D 53 8.14 -3.93 24.33
C ASP D 53 7.36 -3.77 25.64
N SER D 54 8.09 -3.50 26.72
CA SER D 54 7.45 -3.35 28.02
C SER D 54 6.93 -1.94 28.22
N SER D 55 7.19 -1.02 27.28
CA SER D 55 6.62 0.31 27.41
C SER D 55 5.20 0.34 26.86
N THR D 56 4.81 -0.62 26.01
CA THR D 56 3.45 -0.66 25.47
C THR D 56 2.74 -2.01 25.68
N ASN D 57 3.46 -3.01 26.23
CA ASN D 57 2.96 -4.37 26.38
C ASN D 57 2.48 -4.92 25.04
N GLU D 58 3.41 -4.89 24.07
CA GLU D 58 3.24 -5.53 22.78
C GLU D 58 4.46 -6.43 22.55
N VAL D 59 4.23 -7.64 22.02
CA VAL D 59 5.29 -8.52 21.61
C VAL D 59 5.13 -8.86 20.12
N ASP D 60 6.27 -8.98 19.43
CA ASP D 60 6.31 -9.23 17.99
C ASP D 60 6.86 -10.64 17.73
N LEU D 61 6.07 -11.49 17.07
CA LEU D 61 6.43 -12.85 16.70
C LEU D 61 6.57 -12.96 15.19
N VAL D 62 7.48 -13.84 14.76
CA VAL D 62 7.54 -14.30 13.38
C VAL D 62 7.28 -15.79 13.42
N TYR D 63 6.32 -16.24 12.59
CA TYR D 63 5.91 -17.62 12.55
C TYR D 63 5.32 -17.89 11.18
N TYR D 64 5.10 -19.18 10.88
CA TYR D 64 4.23 -19.50 9.79
C TYR D 64 3.14 -20.42 10.30
N GLU D 65 1.98 -20.26 9.66
CA GLU D 65 0.74 -20.87 10.07
C GLU D 65 0.32 -21.80 8.93
N GLN D 66 0.37 -23.11 9.18
CA GLN D 66 -0.16 -24.06 8.23
C GLN D 66 -1.68 -24.11 8.37
N GLN D 67 -2.37 -23.87 7.25
CA GLN D 67 -3.82 -23.98 7.17
C GLN D 67 -4.19 -25.05 6.15
N ARG D 68 -5.06 -25.98 6.54
CA ARG D 68 -5.53 -27.02 5.65
C ARG D 68 -7.03 -27.15 5.75
N TRP D 69 -7.67 -27.31 4.59
CA TRP D 69 -9.09 -27.58 4.53
C TRP D 69 -9.37 -28.33 3.23
N LYS D 70 -10.62 -28.76 3.06
CA LYS D 70 -10.98 -29.60 1.93
C LYS D 70 -12.34 -29.20 1.37
N LEU D 71 -12.43 -28.98 0.05
CA LEU D 71 -13.67 -28.62 -0.62
C LEU D 71 -14.00 -29.66 -1.70
N ASN D 72 -15.26 -30.08 -1.73
CA ASN D 72 -15.76 -30.96 -2.77
C ASN D 72 -15.62 -30.29 -4.13
N SER D 73 -15.85 -28.97 -4.19
CA SER D 73 -15.79 -28.26 -5.45
C SER D 73 -14.38 -28.17 -6.04
N LEU D 74 -13.33 -28.58 -5.30
CA LEU D 74 -11.97 -28.53 -5.82
C LEU D 74 -11.44 -29.93 -6.16
N MET D 75 -12.33 -30.94 -6.16
CA MET D 75 -11.95 -32.31 -6.45
C MET D 75 -11.87 -32.52 -7.96
N TRP D 76 -10.95 -33.37 -8.40
CA TRP D 76 -10.96 -33.87 -9.77
C TRP D 76 -10.39 -35.28 -9.81
N ASP D 77 -10.61 -35.94 -10.94
CA ASP D 77 -10.05 -37.25 -11.22
C ASP D 77 -8.74 -37.06 -11.97
N PRO D 78 -7.57 -37.45 -11.41
CA PRO D 78 -6.30 -37.30 -12.10
C PRO D 78 -6.23 -37.95 -13.50
N ASN D 79 -6.99 -39.03 -13.70
CA ASN D 79 -6.97 -39.75 -14.96
C ASN D 79 -7.59 -38.92 -16.08
N GLU D 80 -8.43 -37.96 -15.74
CA GLU D 80 -9.03 -37.08 -16.73
C GLU D 80 -8.12 -35.89 -17.07
N TYR D 81 -6.97 -35.76 -16.37
CA TYR D 81 -6.10 -34.61 -16.55
C TYR D 81 -4.62 -35.02 -16.52
N GLY D 82 -4.30 -36.12 -17.22
CA GLY D 82 -2.92 -36.48 -17.44
C GLY D 82 -2.16 -36.83 -16.16
N ASN D 83 -2.89 -37.38 -15.18
CA ASN D 83 -2.33 -37.79 -13.89
C ASN D 83 -1.81 -36.60 -13.07
N ILE D 84 -2.37 -35.42 -13.29
CA ILE D 84 -2.11 -34.30 -12.39
C ILE D 84 -2.78 -34.60 -11.05
N THR D 85 -1.99 -34.62 -9.97
CA THR D 85 -2.49 -34.94 -8.65
C THR D 85 -2.54 -33.69 -7.77
N ASP D 86 -1.85 -32.60 -8.15
CA ASP D 86 -1.97 -31.34 -7.44
C ASP D 86 -1.43 -30.20 -8.29
N PHE D 87 -1.66 -28.96 -7.83
CA PHE D 87 -1.13 -27.78 -8.50
C PHE D 87 -1.00 -26.63 -7.51
N ARG D 88 -0.16 -25.65 -7.87
CA ARG D 88 0.01 -24.42 -7.14
C ARG D 88 -0.87 -23.35 -7.76
N THR D 89 -1.42 -22.47 -6.93
CA THR D 89 -2.28 -21.43 -7.42
C THR D 89 -2.20 -20.24 -6.47
N SER D 90 -2.36 -19.05 -7.06
CA SER D 90 -2.51 -17.83 -6.29
C SER D 90 -3.65 -18.00 -5.28
N ALA D 91 -3.42 -17.59 -4.03
CA ALA D 91 -4.44 -17.62 -3.00
C ALA D 91 -5.64 -16.72 -3.34
N ALA D 92 -5.45 -15.77 -4.27
CA ALA D 92 -6.54 -14.93 -4.75
C ALA D 92 -7.52 -15.69 -5.64
N ASP D 93 -7.12 -16.84 -6.20
CA ASP D 93 -7.96 -17.62 -7.10
C ASP D 93 -8.92 -18.52 -6.32
N ILE D 94 -8.72 -18.67 -5.02
CA ILE D 94 -9.52 -19.61 -4.25
C ILE D 94 -10.06 -18.89 -3.02
N TRP D 95 -11.10 -19.47 -2.44
CA TRP D 95 -11.55 -19.07 -1.12
C TRP D 95 -10.48 -19.47 -0.09
N THR D 96 -10.22 -18.59 0.88
CA THR D 96 -9.36 -18.91 2.01
C THR D 96 -10.08 -18.50 3.29
N PRO D 97 -9.84 -19.21 4.42
CA PRO D 97 -10.52 -18.90 5.67
C PRO D 97 -10.03 -17.61 6.31
N ASP D 98 -10.94 -16.93 7.05
CA ASP D 98 -10.67 -15.61 7.62
C ASP D 98 -10.10 -15.77 9.03
N ILE D 99 -9.05 -16.58 9.18
CA ILE D 99 -8.42 -16.83 10.47
C ILE D 99 -7.70 -15.56 10.92
N THR D 100 -8.04 -15.08 12.12
CA THR D 100 -7.65 -13.77 12.60
C THR D 100 -7.13 -13.92 14.03
N ALA D 101 -6.05 -13.23 14.37
CA ALA D 101 -5.61 -13.07 15.75
C ALA D 101 -6.60 -12.15 16.47
N TYR D 102 -7.00 -12.50 17.70
CA TYR D 102 -8.05 -11.77 18.39
C TYR D 102 -7.47 -10.56 19.15
N SER D 103 -6.16 -10.48 19.35
CA SER D 103 -5.59 -9.43 20.17
C SER D 103 -4.32 -8.85 19.53
N SER D 104 -4.30 -8.75 18.20
CA SER D 104 -3.27 -8.01 17.49
C SER D 104 -3.39 -6.51 17.80
N THR D 105 -2.27 -5.80 17.68
CA THR D 105 -2.23 -4.36 17.90
C THR D 105 -1.78 -3.61 16.64
N ARG D 106 -1.44 -4.35 15.58
CA ARG D 106 -1.03 -3.80 14.29
C ARG D 106 -1.50 -4.76 13.21
N PRO D 107 -1.72 -4.32 11.94
CA PRO D 107 -2.01 -5.26 10.85
C PRO D 107 -0.88 -6.26 10.74
N VAL D 108 -1.23 -7.52 10.50
CA VAL D 108 -0.24 -8.57 10.29
C VAL D 108 0.57 -8.22 9.05
N GLN D 109 1.88 -8.43 9.10
CA GLN D 109 2.71 -8.28 7.92
C GLN D 109 2.98 -9.67 7.34
N VAL D 110 2.73 -9.79 6.04
CA VAL D 110 2.86 -11.04 5.30
C VAL D 110 4.28 -11.14 4.78
N LEU D 111 4.95 -12.26 5.07
CA LEU D 111 6.36 -12.43 4.77
C LEU D 111 6.58 -13.46 3.66
N SER D 112 5.52 -14.12 3.19
CA SER D 112 5.67 -15.19 2.20
C SER D 112 4.72 -14.96 1.03
N PRO D 113 5.00 -15.53 -0.16
CA PRO D 113 4.10 -15.43 -1.31
C PRO D 113 2.74 -16.06 -1.05
N GLN D 114 1.69 -15.44 -1.59
CA GLN D 114 0.33 -15.83 -1.33
C GLN D 114 -0.07 -16.89 -2.34
N ILE D 115 0.47 -18.10 -2.17
CA ILE D 115 0.28 -19.21 -3.09
C ILE D 115 -0.07 -20.43 -2.27
N ALA D 116 -1.05 -21.19 -2.75
CA ALA D 116 -1.52 -22.39 -2.07
C ALA D 116 -1.33 -23.60 -2.98
N VAL D 117 -1.38 -24.79 -2.38
CA VAL D 117 -1.30 -26.06 -3.09
C VAL D 117 -2.66 -26.75 -2.97
N VAL D 118 -3.22 -27.13 -4.13
CA VAL D 118 -4.49 -27.83 -4.20
C VAL D 118 -4.23 -29.26 -4.69
N THR D 119 -4.83 -30.23 -4.00
CA THR D 119 -4.69 -31.66 -4.31
C THR D 119 -6.02 -32.18 -4.85
N HIS D 120 -5.95 -33.28 -5.61
CA HIS D 120 -7.07 -33.81 -6.40
C HIS D 120 -8.26 -34.23 -5.53
N ASP D 121 -8.03 -34.52 -4.25
CA ASP D 121 -9.11 -34.88 -3.34
C ASP D 121 -9.81 -33.62 -2.83
N GLY D 122 -9.40 -32.43 -3.29
CA GLY D 122 -10.05 -31.19 -2.90
C GLY D 122 -9.37 -30.51 -1.70
N SER D 123 -8.29 -31.10 -1.18
CA SER D 123 -7.59 -30.52 -0.05
C SER D 123 -6.75 -29.34 -0.51
N VAL D 124 -6.71 -28.30 0.33
CA VAL D 124 -5.91 -27.12 0.10
C VAL D 124 -4.94 -26.99 1.26
N MET D 125 -3.69 -26.64 0.94
CA MET D 125 -2.74 -26.25 1.96
C MET D 125 -2.20 -24.86 1.64
N PHE D 126 -2.21 -24.02 2.69
CA PHE D 126 -1.75 -22.64 2.60
C PHE D 126 -0.93 -22.34 3.85
N ILE D 127 0.30 -21.83 3.65
CA ILE D 127 1.24 -21.66 4.76
C ILE D 127 1.78 -20.23 4.78
N PRO D 128 0.95 -19.23 5.18
CA PRO D 128 1.44 -17.86 5.30
C PRO D 128 2.43 -17.66 6.45
N ALA D 129 3.58 -17.06 6.13
CA ALA D 129 4.51 -16.57 7.12
C ALA D 129 4.12 -15.14 7.49
N GLN D 130 4.20 -14.83 8.78
CA GLN D 130 3.65 -13.59 9.30
C GLN D 130 4.54 -13.00 10.40
N ARG D 131 4.54 -11.67 10.46
CA ARG D 131 4.98 -10.97 11.66
C ARG D 131 3.75 -10.34 12.31
N LEU D 132 3.56 -10.67 13.59
CA LEU D 132 2.39 -10.26 14.38
C LEU D 132 2.86 -9.50 15.61
N SER D 133 2.29 -8.30 15.82
CA SER D 133 2.34 -7.60 17.10
C SER D 133 1.04 -7.89 17.84
N PHE D 134 1.15 -8.35 19.10
CA PHE D 134 -0.05 -8.64 19.89
C PHE D 134 0.17 -8.24 21.35
N MET D 135 -0.96 -8.23 22.08
CA MET D 135 -1.00 -7.75 23.45
C MET D 135 -0.34 -8.77 24.37
N CYS D 136 0.69 -8.31 25.08
CA CYS D 136 1.55 -9.18 25.86
C CYS D 136 2.37 -8.34 26.82
N ASP D 137 2.24 -8.67 28.12
CA ASP D 137 3.06 -8.09 29.17
C ASP D 137 4.31 -8.93 29.34
N PRO D 138 5.51 -8.43 28.96
CA PRO D 138 6.74 -9.22 29.09
C PRO D 138 7.41 -9.22 30.46
N THR D 139 6.72 -8.75 31.50
CA THR D 139 7.26 -8.80 32.86
C THR D 139 7.64 -10.23 33.22
N GLY D 140 8.84 -10.41 33.78
CA GLY D 140 9.32 -11.74 34.13
C GLY D 140 10.22 -12.33 33.05
N VAL D 141 10.40 -11.62 31.92
CA VAL D 141 11.15 -12.17 30.80
C VAL D 141 12.62 -12.30 31.20
N ASP D 142 13.08 -11.42 32.09
CA ASP D 142 14.43 -11.47 32.63
C ASP D 142 14.48 -12.35 33.89
N SER D 143 13.66 -13.40 33.96
CA SER D 143 13.66 -14.34 35.08
C SER D 143 13.71 -15.77 34.56
N GLU D 144 13.99 -16.71 35.45
CA GLU D 144 14.21 -18.09 35.10
C GLU D 144 12.93 -18.69 34.50
N GLU D 145 11.76 -18.36 35.03
CA GLU D 145 10.53 -18.93 34.48
C GLU D 145 10.03 -18.09 33.30
N GLY D 146 10.56 -16.90 33.11
CA GLY D 146 10.25 -16.09 31.95
C GLY D 146 8.87 -15.46 32.03
N ALA D 147 8.40 -14.98 30.87
CA ALA D 147 7.07 -14.39 30.76
C ALA D 147 6.21 -15.37 29.97
N THR D 148 4.91 -15.22 30.16
CA THR D 148 3.93 -16.01 29.44
C THR D 148 2.99 -15.06 28.70
N CYS D 149 2.80 -15.30 27.40
CA CYS D 149 1.79 -14.58 26.66
C CYS D 149 0.95 -15.52 25.81
N ALA D 150 -0.24 -15.02 25.43
CA ALA D 150 -1.23 -15.85 24.76
C ALA D 150 -1.95 -15.02 23.71
N VAL D 151 -2.27 -15.64 22.59
CA VAL D 151 -3.11 -15.00 21.60
C VAL D 151 -3.99 -16.05 20.94
N LYS D 152 -5.26 -15.71 20.77
CA LYS D 152 -6.23 -16.63 20.17
C LYS D 152 -6.35 -16.33 18.68
N PHE D 153 -6.49 -17.40 17.90
CA PHE D 153 -6.75 -17.31 16.48
C PHE D 153 -8.05 -18.01 16.17
N GLY D 154 -8.90 -17.37 15.36
CA GLY D 154 -10.10 -17.99 14.87
C GLY D 154 -10.75 -17.17 13.78
N SER D 155 -11.85 -17.71 13.23
CA SER D 155 -12.65 -16.98 12.28
C SER D 155 -13.16 -15.69 12.91
N TRP D 156 -13.18 -14.61 12.13
CA TRP D 156 -13.70 -13.36 12.64
C TRP D 156 -15.22 -13.33 12.50
N VAL D 157 -15.78 -14.05 11.53
CA VAL D 157 -17.20 -13.89 11.21
C VAL D 157 -17.99 -15.20 11.29
N TYR D 158 -17.34 -16.37 11.41
CA TYR D 158 -18.09 -17.63 11.41
C TYR D 158 -18.07 -18.24 12.82
N SER D 159 -19.23 -18.74 13.26
CA SER D 159 -19.31 -19.50 14.50
C SER D 159 -18.84 -20.94 14.28
N GLY D 160 -18.79 -21.70 15.37
CA GLY D 160 -18.42 -23.11 15.36
C GLY D 160 -19.40 -24.01 14.61
N PHE D 161 -20.60 -23.50 14.31
CA PHE D 161 -21.54 -24.22 13.46
C PHE D 161 -21.16 -24.15 11.98
N GLU D 162 -20.30 -23.21 11.58
CA GLU D 162 -19.89 -23.09 10.18
C GLU D 162 -18.43 -23.44 10.00
N ILE D 163 -17.54 -22.95 10.88
CA ILE D 163 -16.13 -23.30 10.83
C ILE D 163 -15.71 -23.95 12.14
N ASP D 164 -15.25 -25.20 12.04
CA ASP D 164 -14.54 -25.83 13.14
C ASP D 164 -13.03 -25.69 12.86
N LEU D 165 -12.26 -25.54 13.92
CA LEU D 165 -10.82 -25.57 13.85
C LEU D 165 -10.35 -26.84 14.52
N LYS D 166 -9.22 -27.38 14.07
CA LYS D 166 -8.51 -28.38 14.84
C LYS D 166 -7.01 -28.20 14.69
N THR D 167 -6.29 -28.86 15.60
CA THR D 167 -4.84 -28.97 15.54
C THR D 167 -4.51 -30.46 15.46
N ASP D 168 -3.39 -30.79 14.82
CA ASP D 168 -2.93 -32.17 14.76
C ASP D 168 -2.18 -32.52 16.04
N THR D 169 -1.68 -31.50 16.75
CA THR D 169 -0.95 -31.64 17.98
C THR D 169 -1.12 -30.34 18.77
N ASP D 170 -0.94 -30.39 20.09
CA ASP D 170 -0.94 -29.18 20.89
C ASP D 170 0.48 -28.62 21.02
N GLN D 171 1.48 -29.31 20.49
CA GLN D 171 2.85 -28.80 20.49
C GLN D 171 3.09 -27.94 19.27
N VAL D 172 3.43 -26.67 19.51
CA VAL D 172 3.90 -25.78 18.46
C VAL D 172 5.24 -26.31 17.95
N ASP D 173 5.46 -26.24 16.64
CA ASP D 173 6.71 -26.71 16.07
C ASP D 173 7.80 -25.68 16.35
N LEU D 174 8.81 -26.11 17.14
CA LEU D 174 9.93 -25.26 17.54
C LEU D 174 11.23 -25.63 16.84
N SER D 175 11.18 -26.56 15.89
CA SER D 175 12.40 -27.05 15.25
C SER D 175 13.01 -26.02 14.31
N SER D 176 12.31 -24.94 13.98
CA SER D 176 12.86 -23.85 13.18
C SER D 176 13.15 -22.59 14.00
N TYR D 177 13.10 -22.68 15.34
CA TYR D 177 13.19 -21.48 16.15
C TYR D 177 14.63 -20.94 16.06
N TYR D 178 14.77 -19.62 15.86
CA TYR D 178 16.08 -19.03 15.69
C TYR D 178 16.93 -19.22 16.94
N ALA D 179 18.03 -19.95 16.81
CA ALA D 179 18.89 -20.32 17.93
C ALA D 179 19.59 -19.10 18.54
N SER D 180 19.79 -17.99 17.81
CA SER D 180 20.42 -16.82 18.37
C SER D 180 19.43 -15.69 18.60
N SER D 181 18.15 -16.01 18.75
CA SER D 181 17.13 -15.03 19.15
C SER D 181 17.54 -14.36 20.46
N LYS D 182 17.04 -13.14 20.68
CA LYS D 182 17.17 -12.50 21.98
C LYS D 182 16.41 -13.28 23.05
N TYR D 183 15.41 -14.07 22.66
CA TYR D 183 14.56 -14.79 23.60
C TYR D 183 14.61 -16.28 23.30
N GLU D 184 14.71 -17.09 24.35
CA GLU D 184 14.55 -18.53 24.22
C GLU D 184 13.15 -18.96 24.65
N ILE D 185 12.67 -20.03 24.02
CA ILE D 185 11.33 -20.54 24.26
C ILE D 185 11.40 -21.64 25.31
N LEU D 186 10.61 -21.49 26.36
CA LEU D 186 10.51 -22.50 27.39
C LEU D 186 9.38 -23.47 27.04
N SER D 187 8.31 -22.95 26.44
CA SER D 187 7.26 -23.82 25.91
C SER D 187 6.36 -23.01 24.98
N ALA D 188 5.76 -23.75 24.05
CA ALA D 188 4.82 -23.16 23.11
C ALA D 188 3.76 -24.20 22.76
N THR D 189 2.50 -23.86 23.05
CA THR D 189 1.38 -24.76 22.84
C THR D 189 0.31 -24.07 22.00
N GLN D 190 -0.48 -24.90 21.33
CA GLN D 190 -1.59 -24.49 20.47
C GLN D 190 -2.78 -25.39 20.82
N THR D 191 -3.79 -24.79 21.45
CA THR D 191 -4.89 -25.55 22.01
C THR D 191 -6.23 -25.04 21.46
N ARG D 192 -6.99 -25.96 20.86
CA ARG D 192 -8.34 -25.69 20.42
C ARG D 192 -9.23 -25.36 21.63
N GLN D 193 -10.05 -24.30 21.53
CA GLN D 193 -11.00 -23.95 22.57
C GLN D 193 -12.38 -23.73 21.96
N VAL D 194 -13.42 -24.18 22.67
CA VAL D 194 -14.80 -23.86 22.35
C VAL D 194 -15.27 -22.83 23.37
N GLN D 195 -15.74 -21.68 22.88
CA GLN D 195 -16.01 -20.52 23.73
C GLN D 195 -17.45 -20.11 23.57
N HIS D 196 -18.11 -19.74 24.68
CA HIS D 196 -19.41 -19.08 24.61
C HIS D 196 -19.27 -17.60 25.00
N TYR D 197 -19.85 -16.71 24.18
CA TYR D 197 -19.86 -15.28 24.50
C TYR D 197 -21.31 -14.85 24.70
N SER D 198 -21.52 -13.89 25.62
CA SER D 198 -22.86 -13.46 25.97
C SER D 198 -23.62 -12.81 24.80
N CYS D 199 -22.91 -12.26 23.81
CA CYS D 199 -23.55 -11.66 22.64
C CYS D 199 -24.39 -12.67 21.86
N CYS D 200 -23.97 -13.94 21.90
CA CYS D 200 -24.21 -14.86 20.81
C CYS D 200 -24.58 -16.25 21.35
N PRO D 201 -25.65 -16.92 20.89
CA PRO D 201 -25.97 -18.27 21.37
C PRO D 201 -25.09 -19.38 20.79
N GLU D 202 -24.60 -19.21 19.56
CA GLU D 202 -23.78 -20.24 18.94
C GLU D 202 -22.37 -20.20 19.52
N PRO D 203 -21.70 -21.37 19.69
CA PRO D 203 -20.34 -21.39 20.22
C PRO D 203 -19.32 -20.99 19.16
N TYR D 204 -18.17 -20.44 19.60
CA TYR D 204 -17.08 -20.04 18.73
C TYR D 204 -15.84 -20.86 19.05
N ILE D 205 -15.05 -21.13 18.01
CA ILE D 205 -13.85 -21.93 18.13
C ILE D 205 -12.64 -21.04 17.90
N ASP D 206 -11.59 -21.25 18.69
CA ASP D 206 -10.32 -20.60 18.47
C ASP D 206 -9.20 -21.60 18.78
N VAL D 207 -8.00 -21.29 18.29
CA VAL D 207 -6.78 -21.95 18.73
C VAL D 207 -5.96 -20.95 19.53
N ASN D 208 -5.65 -21.33 20.77
CA ASN D 208 -4.94 -20.47 21.71
C ASN D 208 -3.46 -20.79 21.66
N LEU D 209 -2.66 -19.83 21.19
CA LEU D 209 -1.21 -19.94 21.14
C LEU D 209 -0.64 -19.34 22.42
N VAL D 210 0.03 -20.19 23.22
CA VAL D 210 0.56 -19.80 24.52
C VAL D 210 2.07 -20.02 24.45
N VAL D 211 2.84 -18.94 24.65
CA VAL D 211 4.28 -18.99 24.57
C VAL D 211 4.86 -18.51 25.89
N LYS D 212 5.74 -19.34 26.46
CA LYS D 212 6.54 -18.97 27.62
C LYS D 212 7.98 -18.78 27.16
N PHE D 213 8.55 -17.63 27.50
CA PHE D 213 9.84 -17.25 26.93
C PHE D 213 10.62 -16.42 27.94
N ARG D 214 11.94 -16.38 27.78
CA ARG D 214 12.79 -15.53 28.60
C ARG D 214 14.00 -15.07 27.80
N GLU D 215 14.68 -14.05 28.34
CA GLU D 215 15.89 -13.51 27.74
C GLU D 215 16.95 -14.60 27.71
N ARG D 216 17.58 -14.77 26.55
CA ARG D 216 18.63 -15.75 26.36
CA ARG D 216 18.63 -15.75 26.36
C ARG D 216 19.86 -15.28 27.13
N ARG D 217 20.45 -16.16 27.95
CA ARG D 217 21.67 -15.85 28.70
C ARG D 217 22.88 -16.56 28.08
N ASP E 6 -26.53 -35.20 -0.50
CA ASP E 6 -27.40 -34.27 -1.27
C ASP E 6 -27.51 -32.94 -0.53
N ASP E 7 -27.79 -32.98 0.78
CA ASP E 7 -28.25 -31.82 1.51
C ASP E 7 -27.17 -30.74 1.52
N LYS E 8 -25.92 -31.16 1.72
CA LYS E 8 -24.80 -30.23 1.81
C LYS E 8 -24.54 -29.56 0.46
N LEU E 9 -24.64 -30.35 -0.63
CA LEU E 9 -24.50 -29.83 -1.98
C LEU E 9 -25.63 -28.83 -2.26
N HIS E 10 -26.84 -29.16 -1.79
CA HIS E 10 -28.01 -28.32 -1.99
C HIS E 10 -27.90 -27.03 -1.18
N SER E 11 -27.41 -27.09 0.06
CA SER E 11 -27.23 -25.91 0.88
C SER E 11 -26.23 -24.95 0.22
N GLN E 12 -25.13 -25.50 -0.35
CA GLN E 12 -24.17 -24.70 -1.10
C GLN E 12 -24.83 -24.05 -2.33
N ALA E 13 -25.61 -24.85 -3.06
CA ALA E 13 -26.25 -24.41 -4.29
C ALA E 13 -27.27 -23.30 -4.00
N ASN E 14 -28.01 -23.48 -2.88
CA ASN E 14 -29.01 -22.53 -2.45
C ASN E 14 -28.35 -21.20 -2.09
N LEU E 15 -27.21 -21.24 -1.42
CA LEU E 15 -26.52 -20.03 -0.99
C LEU E 15 -25.97 -19.30 -2.21
N MET E 16 -25.33 -20.05 -3.13
CA MET E 16 -24.82 -19.46 -4.37
C MET E 16 -25.97 -18.80 -5.15
N ARG E 17 -27.14 -19.45 -5.16
CA ARG E 17 -28.31 -18.94 -5.86
C ARG E 17 -28.82 -17.67 -5.17
N LEU E 18 -28.85 -17.68 -3.83
CA LEU E 18 -29.32 -16.53 -3.06
C LEU E 18 -28.42 -15.33 -3.32
N LYS E 19 -27.09 -15.52 -3.27
CA LYS E 19 -26.18 -14.42 -3.45
C LYS E 19 -26.29 -13.87 -4.86
N SER E 20 -26.47 -14.77 -5.84
CA SER E 20 -26.65 -14.34 -7.23
C SER E 20 -27.93 -13.51 -7.39
N ASP E 21 -29.04 -13.99 -6.79
CA ASP E 21 -30.30 -13.26 -6.85
C ASP E 21 -30.18 -11.87 -6.22
N LEU E 22 -29.50 -11.75 -5.07
CA LEU E 22 -29.44 -10.48 -4.38
C LEU E 22 -28.48 -9.52 -5.09
N PHE E 23 -27.31 -10.02 -5.52
CA PHE E 23 -26.22 -9.15 -5.90
C PHE E 23 -26.18 -8.95 -7.41
N ASN E 24 -26.17 -10.06 -8.17
CA ASN E 24 -25.98 -10.00 -9.61
C ASN E 24 -27.27 -9.57 -10.30
N ARG E 25 -28.42 -9.73 -9.62
CA ARG E 25 -29.71 -9.53 -10.27
C ARG E 25 -30.49 -8.41 -9.57
N SER E 26 -29.80 -7.40 -9.03
CA SER E 26 -30.48 -6.24 -8.45
C SER E 26 -29.53 -5.04 -8.41
N PRO E 27 -29.92 -3.87 -8.96
CA PRO E 27 -29.11 -2.65 -8.87
C PRO E 27 -28.75 -2.36 -7.41
N MET E 28 -27.49 -1.99 -7.17
CA MET E 28 -26.96 -1.93 -5.82
C MET E 28 -27.48 -0.68 -5.10
N TYR E 29 -27.70 -0.81 -3.79
CA TYR E 29 -28.20 0.26 -2.94
C TYR E 29 -27.25 1.45 -3.04
N PRO E 30 -27.72 2.64 -3.46
CA PRO E 30 -26.84 3.79 -3.67
C PRO E 30 -26.54 4.58 -2.40
N GLY E 31 -26.94 4.05 -1.24
CA GLY E 31 -26.83 4.77 0.01
C GLY E 31 -28.10 5.52 0.38
N PRO E 32 -28.20 6.04 1.61
CA PRO E 32 -29.40 6.74 2.05
C PRO E 32 -29.55 8.12 1.44
N THR E 33 -30.77 8.63 1.44
CA THR E 33 -31.10 9.98 1.02
C THR E 33 -32.09 10.59 2.01
N LYS E 34 -32.39 11.89 1.83
CA LYS E 34 -33.34 12.60 2.67
C LYS E 34 -34.73 11.97 2.54
N ASP E 35 -35.05 11.41 1.37
CA ASP E 35 -36.33 10.73 1.16
C ASP E 35 -36.30 9.28 1.64
N ASP E 36 -35.11 8.69 1.76
CA ASP E 36 -34.96 7.29 2.12
C ASP E 36 -33.88 7.17 3.19
N PRO E 37 -34.09 7.71 4.41
CA PRO E 37 -33.05 7.73 5.43
C PRO E 37 -32.83 6.36 6.09
N LEU E 38 -31.71 6.22 6.79
CA LEU E 38 -31.28 4.94 7.29
C LEU E 38 -30.82 5.13 8.74
N THR E 39 -31.08 4.13 9.59
CA THR E 39 -30.53 4.08 10.93
C THR E 39 -29.30 3.17 10.98
N VAL E 40 -28.20 3.70 11.52
CA VAL E 40 -27.01 2.91 11.77
C VAL E 40 -26.80 2.88 13.27
N THR E 41 -26.71 1.67 13.82
CA THR E 41 -26.38 1.46 15.21
C THR E 41 -24.88 1.22 15.35
N LEU E 42 -24.25 1.91 16.29
CA LEU E 42 -22.83 1.80 16.60
C LEU E 42 -22.67 1.34 18.04
N GLY E 43 -21.72 0.43 18.26
CA GLY E 43 -21.28 0.08 19.59
C GLY E 43 -19.79 -0.24 19.60
N PHE E 44 -19.09 0.13 20.68
CA PHE E 44 -17.66 -0.07 20.79
C PHE E 44 -17.35 -1.14 21.82
N THR E 45 -16.34 -1.96 21.51
CA THR E 45 -15.69 -2.87 22.43
C THR E 45 -14.22 -2.48 22.50
N LEU E 46 -13.79 -1.94 23.64
CA LEU E 46 -12.43 -1.44 23.80
C LEU E 46 -11.54 -2.58 24.29
N GLN E 47 -10.48 -2.86 23.52
CA GLN E 47 -9.56 -3.95 23.85
C GLN E 47 -8.31 -3.47 24.56
N ASP E 48 -7.76 -2.32 24.17
CA ASP E 48 -6.49 -1.90 24.74
C ASP E 48 -6.22 -0.43 24.44
N ILE E 49 -5.74 0.28 25.47
CA ILE E 49 -5.01 1.52 25.26
C ILE E 49 -3.54 1.13 25.19
N VAL E 50 -2.99 1.22 23.97
CA VAL E 50 -1.66 0.72 23.72
C VAL E 50 -0.62 1.73 24.19
N LYS E 51 -0.88 3.02 23.97
CA LYS E 51 0.16 4.05 24.07
C LYS E 51 -0.49 5.42 24.29
N ALA E 52 0.11 6.22 25.17
CA ALA E 52 -0.34 7.59 25.40
C ALA E 52 0.87 8.52 25.33
N ASP E 53 0.97 9.31 24.27
CA ASP E 53 2.15 10.13 23.99
C ASP E 53 1.90 11.56 24.46
N SER E 54 2.56 11.93 25.56
CA SER E 54 2.39 13.27 26.11
C SER E 54 3.28 14.29 25.40
N SER E 55 4.15 13.85 24.47
CA SER E 55 4.93 14.82 23.72
C SER E 55 4.15 15.35 22.52
N THR E 56 3.11 14.63 22.07
CA THR E 56 2.31 15.07 20.92
C THR E 56 0.81 15.11 21.21
N ASN E 57 0.40 14.66 22.41
CA ASN E 57 -1.00 14.56 22.79
C ASN E 57 -1.76 13.73 21.78
N GLU E 58 -1.27 12.50 21.57
CA GLU E 58 -1.92 11.47 20.79
C GLU E 58 -2.03 10.23 21.64
N VAL E 59 -3.18 9.55 21.60
CA VAL E 59 -3.35 8.27 22.25
C VAL E 59 -3.76 7.23 21.21
N ASP E 60 -3.31 5.99 21.39
CA ASP E 60 -3.59 4.89 20.49
C ASP E 60 -4.48 3.85 21.18
N LEU E 61 -5.66 3.59 20.57
CA LEU E 61 -6.62 2.61 21.06
C LEU E 61 -6.72 1.45 20.08
N VAL E 62 -6.97 0.26 20.61
CA VAL E 62 -7.39 -0.90 19.82
C VAL E 62 -8.80 -1.28 20.28
N TYR E 63 -9.74 -1.39 19.35
CA TYR E 63 -11.14 -1.65 19.65
C TYR E 63 -11.78 -2.30 18.43
N TYR E 64 -12.99 -2.83 18.62
CA TYR E 64 -13.81 -3.15 17.47
C TYR E 64 -15.13 -2.44 17.61
N GLU E 65 -15.64 -2.07 16.43
CA GLU E 65 -16.79 -1.21 16.29
C GLU E 65 -17.89 -2.03 15.62
N GLN E 66 -18.95 -2.35 16.35
CA GLN E 66 -20.08 -3.03 15.79
C GLN E 66 -20.98 -2.02 15.07
N GLN E 67 -21.21 -2.27 13.78
CA GLN E 67 -22.08 -1.44 12.96
C GLN E 67 -23.23 -2.30 12.45
N ARG E 68 -24.47 -1.80 12.62
CA ARG E 68 -25.64 -2.51 12.16
C ARG E 68 -26.58 -1.56 11.42
N TRP E 69 -27.13 -2.08 10.33
CA TRP E 69 -28.16 -1.40 9.59
C TRP E 69 -29.01 -2.43 8.87
N LYS E 70 -30.09 -1.98 8.21
CA LYS E 70 -31.07 -2.90 7.67
C LYS E 70 -31.62 -2.37 6.35
N LEU E 71 -31.60 -3.20 5.29
CA LEU E 71 -32.03 -2.81 3.96
C LEU E 71 -33.12 -3.74 3.47
N ASN E 72 -34.17 -3.17 2.87
CA ASN E 72 -35.20 -3.94 2.19
C ASN E 72 -34.60 -4.81 1.09
N SER E 73 -33.62 -4.25 0.38
CA SER E 73 -33.05 -4.93 -0.78
C SER E 73 -32.22 -6.14 -0.37
N LEU E 74 -31.95 -6.35 0.92
CA LEU E 74 -31.19 -7.53 1.35
C LEU E 74 -32.09 -8.58 2.01
N MET E 75 -33.42 -8.41 1.93
CA MET E 75 -34.36 -9.34 2.54
C MET E 75 -34.57 -10.54 1.61
N TRP E 76 -34.78 -11.71 2.20
CA TRP E 76 -35.29 -12.86 1.45
C TRP E 76 -36.13 -13.75 2.36
N ASP E 77 -36.87 -14.67 1.73
CA ASP E 77 -37.63 -15.69 2.43
C ASP E 77 -36.79 -16.94 2.55
N PRO E 78 -36.39 -17.38 3.77
CA PRO E 78 -35.59 -18.59 3.94
C PRO E 78 -36.19 -19.85 3.30
N ASN E 79 -37.52 -19.93 3.21
CA ASN E 79 -38.19 -21.10 2.67
C ASN E 79 -37.91 -21.25 1.18
N GLU E 80 -37.58 -20.14 0.50
CA GLU E 80 -37.25 -20.18 -0.92
C GLU E 80 -35.79 -20.55 -1.16
N TYR E 81 -34.99 -20.68 -0.08
CA TYR E 81 -33.56 -20.94 -0.21
C TYR E 81 -33.08 -21.94 0.83
N GLY E 82 -33.83 -23.03 1.03
CA GLY E 82 -33.37 -24.16 1.82
C GLY E 82 -33.17 -23.81 3.29
N ASN E 83 -33.94 -22.86 3.80
CA ASN E 83 -33.88 -22.40 5.18
C ASN E 83 -32.55 -21.71 5.51
N ILE E 84 -31.88 -21.13 4.51
CA ILE E 84 -30.75 -20.25 4.79
C ILE E 84 -31.29 -18.98 5.43
N THR E 85 -30.78 -18.66 6.63
CA THR E 85 -31.25 -17.53 7.40
C THR E 85 -30.20 -16.41 7.42
N ASP E 86 -28.95 -16.68 7.05
CA ASP E 86 -27.95 -15.63 6.93
C ASP E 86 -26.77 -16.11 6.08
N PHE E 87 -25.86 -15.19 5.74
CA PHE E 87 -24.63 -15.52 5.05
C PHE E 87 -23.57 -14.44 5.28
N ARG E 88 -22.30 -14.83 5.05
CA ARG E 88 -21.17 -13.92 5.16
C ARG E 88 -20.83 -13.41 3.76
N THR E 89 -20.42 -12.15 3.66
CA THR E 89 -20.04 -11.61 2.37
C THR E 89 -18.98 -10.53 2.56
N SER E 90 -18.12 -10.40 1.57
CA SER E 90 -17.12 -9.35 1.52
C SER E 90 -17.82 -7.99 1.67
N ALA E 91 -17.27 -7.12 2.51
CA ALA E 91 -17.80 -5.78 2.71
C ALA E 91 -17.71 -4.95 1.43
N ALA E 92 -16.89 -5.37 0.48
CA ALA E 92 -16.79 -4.72 -0.82
C ALA E 92 -17.99 -5.02 -1.71
N ASP E 93 -18.77 -6.07 -1.40
CA ASP E 93 -19.93 -6.44 -2.20
C ASP E 93 -21.16 -5.61 -1.85
N ILE E 94 -21.11 -4.89 -0.72
CA ILE E 94 -22.29 -4.21 -0.24
C ILE E 94 -21.90 -2.75 0.08
N TRP E 95 -22.91 -1.90 0.19
CA TRP E 95 -22.74 -0.59 0.77
C TRP E 95 -22.39 -0.72 2.25
N THR E 96 -21.47 0.10 2.75
CA THR E 96 -21.20 0.20 4.17
C THR E 96 -21.17 1.68 4.56
N PRO E 97 -21.53 2.03 5.80
CA PRO E 97 -21.56 3.44 6.22
C PRO E 97 -20.14 4.00 6.42
N ASP E 98 -19.99 5.30 6.15
CA ASP E 98 -18.70 5.99 6.10
C ASP E 98 -18.39 6.59 7.48
N ILE E 99 -18.48 5.76 8.53
CA ILE E 99 -18.31 6.22 9.90
C ILE E 99 -16.83 6.53 10.11
N THR E 100 -16.56 7.75 10.58
CA THR E 100 -15.21 8.28 10.66
C THR E 100 -15.00 8.91 12.03
N ALA E 101 -13.81 8.71 12.61
CA ALA E 101 -13.37 9.47 13.77
C ALA E 101 -13.10 10.92 13.36
N TYR E 102 -13.53 11.88 14.17
CA TYR E 102 -13.46 13.29 13.79
C TYR E 102 -12.10 13.89 14.17
N SER E 103 -11.32 13.22 15.00
CA SER E 103 -10.08 13.80 15.51
C SER E 103 -8.94 12.78 15.53
N SER E 104 -8.89 11.90 14.51
CA SER E 104 -7.75 11.02 14.31
C SER E 104 -6.53 11.84 13.87
N THR E 105 -5.33 11.30 14.13
CA THR E 105 -4.09 11.95 13.73
C THR E 105 -3.28 11.07 12.77
N ARG E 106 -3.79 9.86 12.47
CA ARG E 106 -3.18 8.91 11.57
C ARG E 106 -4.30 8.11 10.90
N PRO E 107 -4.10 7.52 9.70
CA PRO E 107 -5.12 6.63 9.12
C PRO E 107 -5.36 5.47 10.06
N VAL E 108 -6.63 5.08 10.18
CA VAL E 108 -7.02 3.92 10.97
C VAL E 108 -6.33 2.68 10.39
N GLN E 109 -5.80 1.82 11.24
CA GLN E 109 -5.28 0.54 10.81
C GLN E 109 -6.34 -0.54 11.07
N VAL E 110 -6.68 -1.29 10.03
CA VAL E 110 -7.72 -2.29 10.05
C VAL E 110 -7.10 -3.62 10.47
N LEU E 111 -7.65 -4.24 11.51
CA LEU E 111 -7.04 -5.40 12.13
C LEU E 111 -7.84 -6.68 11.87
N SER E 112 -9.02 -6.57 11.26
CA SER E 112 -9.87 -7.71 11.02
C SER E 112 -10.26 -7.80 9.54
N PRO E 113 -10.67 -8.98 9.04
CA PRO E 113 -11.14 -9.12 7.66
C PRO E 113 -12.40 -8.31 7.38
N GLN E 114 -12.49 -7.78 6.16
CA GLN E 114 -13.55 -6.89 5.76
C GLN E 114 -14.71 -7.74 5.25
N ILE E 115 -15.42 -8.39 6.18
CA ILE E 115 -16.50 -9.31 5.87
C ILE E 115 -17.66 -8.96 6.81
N ALA E 116 -18.88 -8.99 6.27
CA ALA E 116 -20.09 -8.69 7.02
C ALA E 116 -21.01 -9.91 7.02
N VAL E 117 -21.97 -9.90 7.94
CA VAL E 117 -23.01 -10.93 8.04
C VAL E 117 -24.34 -10.29 7.65
N VAL E 118 -25.04 -10.92 6.70
CA VAL E 118 -26.35 -10.48 6.26
C VAL E 118 -27.39 -11.52 6.71
N THR E 119 -28.49 -11.04 7.29
CA THR E 119 -29.58 -11.89 7.77
C THR E 119 -30.81 -11.69 6.88
N HIS E 120 -31.70 -12.67 6.88
CA HIS E 120 -32.83 -12.75 5.94
C HIS E 120 -33.82 -11.59 6.09
N ASP E 121 -33.84 -10.94 7.26
CA ASP E 121 -34.68 -9.77 7.46
C ASP E 121 -34.04 -8.51 6.87
N GLY E 122 -32.86 -8.65 6.26
CA GLY E 122 -32.20 -7.51 5.62
C GLY E 122 -31.18 -6.82 6.52
N SER E 123 -31.01 -7.31 7.76
CA SER E 123 -30.07 -6.68 8.67
CA SER E 123 -30.07 -6.69 8.68
C SER E 123 -28.64 -7.08 8.32
N VAL E 124 -27.73 -6.11 8.45
CA VAL E 124 -26.33 -6.30 8.19
C VAL E 124 -25.58 -6.00 9.48
N MET E 125 -24.60 -6.84 9.79
CA MET E 125 -23.71 -6.57 10.90
C MET E 125 -22.26 -6.63 10.39
N PHE E 126 -21.50 -5.60 10.75
CA PHE E 126 -20.12 -5.43 10.31
C PHE E 126 -19.32 -4.97 11.52
N ILE E 127 -18.24 -5.70 11.83
CA ILE E 127 -17.52 -5.47 13.08
C ILE E 127 -16.04 -5.27 12.81
N PRO E 128 -15.63 -4.14 12.22
CA PRO E 128 -14.20 -3.87 12.00
C PRO E 128 -13.41 -3.61 13.28
N ALA E 129 -12.31 -4.36 13.43
CA ALA E 129 -11.34 -4.10 14.49
C ALA E 129 -10.32 -3.10 13.98
N GLN E 130 -9.91 -2.17 14.85
CA GLN E 130 -9.18 -0.99 14.43
C GLN E 130 -8.15 -0.59 15.47
N ARG E 131 -7.03 -0.06 15.00
CA ARG E 131 -6.14 0.73 15.83
C ARG E 131 -6.21 2.19 15.37
N LEU E 132 -6.53 3.08 16.33
CA LEU E 132 -6.76 4.49 16.08
C LEU E 132 -5.82 5.32 16.94
N SER E 133 -5.08 6.25 16.31
CA SER E 133 -4.42 7.35 16.99
C SER E 133 -5.31 8.58 16.92
N PHE E 134 -5.57 9.21 18.08
CA PHE E 134 -6.43 10.40 18.10
C PHE E 134 -5.90 11.42 19.11
N MET E 135 -6.44 12.63 18.99
CA MET E 135 -6.02 13.78 19.77
C MET E 135 -6.51 13.62 21.21
N CYS E 136 -5.55 13.63 22.14
CA CYS E 136 -5.80 13.30 23.53
C CYS E 136 -4.61 13.75 24.38
N ASP E 137 -4.91 14.60 25.37
CA ASP E 137 -3.93 15.03 26.36
C ASP E 137 -3.97 14.06 27.53
N PRO E 138 -2.93 13.22 27.74
CA PRO E 138 -2.96 12.25 28.84
C PRO E 138 -2.55 12.76 30.23
N THR E 139 -2.56 14.08 30.41
CA THR E 139 -2.28 14.68 31.72
C THR E 139 -3.22 14.09 32.78
N GLY E 140 -2.64 13.68 33.92
CA GLY E 140 -3.39 13.10 35.01
C GLY E 140 -3.40 11.58 35.00
N VAL E 141 -2.78 10.97 33.96
CA VAL E 141 -2.89 9.53 33.77
C VAL E 141 -2.15 8.81 34.91
N ASP E 142 -1.11 9.46 35.44
CA ASP E 142 -0.35 8.92 36.56
C ASP E 142 -0.95 9.38 37.89
N SER E 143 -2.27 9.58 37.94
CA SER E 143 -2.94 9.98 39.17
C SER E 143 -4.15 9.09 39.38
N GLU E 144 -4.72 9.15 40.58
CA GLU E 144 -5.83 8.30 40.96
C GLU E 144 -7.06 8.59 40.09
N GLU E 145 -7.26 9.87 39.77
CA GLU E 145 -8.40 10.34 38.99
C GLU E 145 -8.19 10.04 37.50
N GLY E 146 -6.92 9.87 37.07
CA GLY E 146 -6.62 9.47 35.72
C GLY E 146 -6.82 10.61 34.72
N ALA E 147 -6.75 10.28 33.43
CA ALA E 147 -6.97 11.23 32.37
C ALA E 147 -8.30 10.92 31.69
N THR E 148 -8.85 11.92 31.02
CA THR E 148 -10.06 11.77 30.24
C THR E 148 -9.78 12.19 28.80
N CYS E 149 -10.15 11.33 27.86
CA CYS E 149 -10.14 11.74 26.46
C CYS E 149 -11.46 11.38 25.78
N ALA E 150 -11.71 12.07 24.66
CA ALA E 150 -12.94 11.92 23.92
C ALA E 150 -12.67 11.94 22.43
N VAL E 151 -13.43 11.16 21.68
CA VAL E 151 -13.38 11.23 20.23
C VAL E 151 -14.78 10.97 19.68
N LYS E 152 -15.16 11.78 18.70
CA LYS E 152 -16.46 11.67 18.07
C LYS E 152 -16.36 10.81 16.82
N PHE E 153 -17.38 9.98 16.61
CA PHE E 153 -17.51 9.18 15.40
C PHE E 153 -18.82 9.54 14.72
N GLY E 154 -18.77 9.72 13.40
CA GLY E 154 -19.98 9.90 12.62
C GLY E 154 -19.70 9.82 11.14
N SER E 155 -20.77 9.95 10.35
CA SER E 155 -20.65 9.98 8.91
C SER E 155 -19.81 11.20 8.51
N TRP E 156 -19.02 11.04 7.46
CA TRP E 156 -18.23 12.14 6.96
C TRP E 156 -19.06 12.98 6.00
N VAL E 157 -20.05 12.38 5.32
CA VAL E 157 -20.73 13.08 4.24
C VAL E 157 -22.26 13.12 4.42
N TYR E 158 -22.83 12.39 5.38
CA TYR E 158 -24.29 12.36 5.52
C TYR E 158 -24.70 13.09 6.80
N SER E 159 -25.72 13.94 6.68
CA SER E 159 -26.32 14.61 7.81
C SER E 159 -27.28 13.68 8.54
N GLY E 160 -27.84 14.18 9.65
CA GLY E 160 -28.83 13.47 10.44
C GLY E 160 -30.16 13.25 9.71
N PHE E 161 -30.37 13.93 8.59
CA PHE E 161 -31.54 13.71 7.76
C PHE E 161 -31.36 12.49 6.85
N GLU E 162 -30.13 11.98 6.70
CA GLU E 162 -29.90 10.82 5.84
C GLU E 162 -29.50 9.60 6.66
N ILE E 163 -28.57 9.79 7.61
CA ILE E 163 -28.20 8.72 8.53
C ILE E 163 -28.49 9.16 9.96
N ASP E 164 -29.42 8.45 10.61
CA ASP E 164 -29.52 8.61 12.06
CA ASP E 164 -29.55 8.59 12.06
C ASP E 164 -28.69 7.52 12.69
N LEU E 165 -27.85 7.97 13.62
CA LEU E 165 -26.91 7.12 14.31
C LEU E 165 -27.49 6.90 15.70
N LYS E 166 -27.31 5.68 16.19
CA LYS E 166 -27.85 5.32 17.49
C LYS E 166 -26.85 4.37 18.15
N THR E 167 -27.00 4.22 19.47
CA THR E 167 -26.32 3.19 20.27
C THR E 167 -27.39 2.31 20.91
N ASP E 168 -27.08 1.04 21.20
CA ASP E 168 -27.99 0.20 21.96
C ASP E 168 -27.86 0.48 23.45
N THR E 169 -26.69 0.99 23.85
CA THR E 169 -26.38 1.29 25.23
C THR E 169 -25.35 2.42 25.22
N ASP E 170 -25.26 3.17 26.32
CA ASP E 170 -24.24 4.18 26.44
C ASP E 170 -23.00 3.62 27.12
N GLN E 171 -23.05 2.35 27.54
CA GLN E 171 -21.89 1.72 28.16
C GLN E 171 -21.05 1.05 27.08
N VAL E 172 -19.79 1.45 26.98
CA VAL E 172 -18.82 0.76 26.12
C VAL E 172 -18.56 -0.63 26.70
N ASP E 173 -18.45 -1.64 25.84
CA ASP E 173 -18.19 -3.00 26.30
C ASP E 173 -16.73 -3.12 26.70
N LEU E 174 -16.49 -3.37 28.00
CA LEU E 174 -15.14 -3.49 28.55
C LEU E 174 -14.80 -4.93 28.94
N SER E 175 -15.66 -5.89 28.60
CA SER E 175 -15.47 -7.27 29.03
C SER E 175 -14.32 -7.95 28.29
N SER E 176 -13.81 -7.35 27.20
CA SER E 176 -12.65 -7.87 26.48
C SER E 176 -11.42 -6.99 26.67
N TYR E 177 -11.41 -6.09 27.66
CA TYR E 177 -10.31 -5.15 27.83
C TYR E 177 -9.10 -5.95 28.32
N TYR E 178 -7.92 -5.70 27.74
CA TYR E 178 -6.71 -6.46 28.07
C TYR E 178 -6.35 -6.20 29.53
N ALA E 179 -6.37 -7.29 30.32
CA ALA E 179 -6.15 -7.21 31.76
C ALA E 179 -4.73 -6.77 32.12
N SER E 180 -3.73 -6.98 31.24
CA SER E 180 -2.37 -6.55 31.55
C SER E 180 -1.94 -5.36 30.71
N SER E 181 -2.90 -4.57 30.23
CA SER E 181 -2.61 -3.29 29.59
C SER E 181 -1.76 -2.41 30.49
N LYS E 182 -0.99 -1.50 29.88
CA LYS E 182 -0.31 -0.47 30.64
C LYS E 182 -1.30 0.48 31.32
N TYR E 183 -2.54 0.56 30.79
CA TYR E 183 -3.54 1.48 31.32
C TYR E 183 -4.79 0.69 31.73
N GLU E 184 -5.38 1.08 32.86
CA GLU E 184 -6.68 0.55 33.24
C GLU E 184 -7.77 1.58 32.96
N ILE E 185 -8.97 1.08 32.65
CA ILE E 185 -10.11 1.91 32.30
C ILE E 185 -10.94 2.16 33.55
N LEU E 186 -11.20 3.43 33.85
CA LEU E 186 -12.05 3.80 34.96
C LEU E 186 -13.49 3.92 34.47
N SER E 187 -13.68 4.42 33.25
CA SER E 187 -15.00 4.43 32.64
C SER E 187 -14.88 4.67 31.14
N ALA E 188 -15.89 4.18 30.42
CA ALA E 188 -15.96 4.35 28.98
C ALA E 188 -17.42 4.41 28.57
N THR E 189 -17.81 5.53 27.95
CA THR E 189 -19.18 5.73 27.52
C THR E 189 -19.22 6.11 26.04
N GLN E 190 -20.38 5.84 25.43
CA GLN E 190 -20.64 6.12 24.02
C GLN E 190 -22.01 6.76 23.93
N THR E 191 -22.05 8.04 23.56
CA THR E 191 -23.25 8.85 23.66
C THR E 191 -23.54 9.52 22.33
N ARG E 192 -24.76 9.31 21.83
CA ARG E 192 -25.28 9.99 20.66
C ARG E 192 -25.36 11.49 20.94
N GLN E 193 -24.92 12.31 19.99
CA GLN E 193 -25.02 13.76 20.08
C GLN E 193 -25.58 14.31 18.78
N VAL E 194 -26.46 15.32 18.91
CA VAL E 194 -26.98 16.06 17.78
C VAL E 194 -26.28 17.42 17.77
N GLN E 195 -25.63 17.75 16.66
CA GLN E 195 -24.79 18.94 16.58
C GLN E 195 -25.31 19.84 15.47
N HIS E 196 -25.29 21.15 15.69
CA HIS E 196 -25.50 22.12 14.63
C HIS E 196 -24.20 22.87 14.37
N TYR E 197 -23.84 23.00 13.09
CA TYR E 197 -22.67 23.77 12.70
C TYR E 197 -23.13 24.98 11.89
N SER E 198 -22.39 26.09 12.00
CA SER E 198 -22.78 27.35 11.35
C SER E 198 -22.77 27.24 9.83
N CYS E 199 -21.97 26.34 9.25
CA CYS E 199 -21.92 26.15 7.81
C CYS E 199 -23.28 25.73 7.23
N CYS E 200 -24.08 25.03 8.05
CA CYS E 200 -25.03 24.06 7.52
C CYS E 200 -26.34 24.13 8.30
N PRO E 201 -27.52 24.12 7.63
CA PRO E 201 -28.80 24.09 8.35
C PRO E 201 -29.18 22.72 8.92
N GLU E 202 -28.71 21.62 8.31
CA GLU E 202 -29.12 20.30 8.75
C GLU E 202 -28.38 19.92 10.05
N PRO E 203 -29.00 19.13 10.94
CA PRO E 203 -28.29 18.57 12.10
C PRO E 203 -27.32 17.45 11.70
N TYR E 204 -26.25 17.30 12.47
CA TYR E 204 -25.28 16.23 12.29
C TYR E 204 -25.25 15.39 13.56
N ILE E 205 -25.12 14.08 13.36
CA ILE E 205 -25.15 13.15 14.47
C ILE E 205 -23.77 12.53 14.61
N ASP E 206 -23.32 12.40 15.85
CA ASP E 206 -22.11 11.65 16.13
C ASP E 206 -22.32 10.83 17.40
N VAL E 207 -21.43 9.84 17.59
CA VAL E 207 -21.32 9.13 18.85
C VAL E 207 -20.00 9.54 19.49
N ASN E 208 -20.10 10.06 20.71
CA ASN E 208 -18.97 10.55 21.45
C ASN E 208 -18.47 9.45 22.39
N LEU E 209 -17.26 8.97 22.11
CA LEU E 209 -16.60 7.98 22.93
C LEU E 209 -15.71 8.70 23.94
N VAL E 210 -16.04 8.53 25.24
CA VAL E 210 -15.33 9.19 26.32
C VAL E 210 -14.70 8.10 27.18
N VAL E 211 -13.37 8.14 27.32
CA VAL E 211 -12.63 7.15 28.08
C VAL E 211 -11.84 7.86 29.17
N LYS E 212 -12.04 7.40 30.42
CA LYS E 212 -11.23 7.81 31.56
C LYS E 212 -10.32 6.64 31.92
N PHE E 213 -9.02 6.93 32.04
CA PHE E 213 -8.03 5.87 32.19
C PHE E 213 -6.86 6.37 33.01
N ARG E 214 -6.12 5.42 33.59
CA ARG E 214 -4.91 5.75 34.34
C ARG E 214 -3.91 4.59 34.24
N GLU E 215 -2.66 4.90 34.60
CA GLU E 215 -1.59 3.90 34.61
C GLU E 215 -1.95 2.78 35.59
N ARG E 216 -1.60 1.53 35.27
CA ARG E 216 -2.14 0.40 36.01
C ARG E 216 -1.61 0.41 37.45
#